data_1FDG
# 
_entry.id   1FDG 
# 
_audit_conform.dict_name       mmcif_pdbx.dic 
_audit_conform.dict_version    5.392 
_audit_conform.dict_location   http://mmcif.pdb.org/dictionaries/ascii/mmcif_pdbx.dic 
# 
loop_
_database_2.database_id 
_database_2.database_code 
_database_2.pdbx_database_accession 
_database_2.pdbx_DOI 
PDB   1FDG         pdb_00001fdg 10.2210/pdb1fdg/pdb 
NDB   DD0029       ?            ?                   
RCSB  RCSB011499   ?            ?                   
WWPDB D_1000011499 ?            ?                   
# 
loop_
_pdbx_audit_revision_history.ordinal 
_pdbx_audit_revision_history.data_content_type 
_pdbx_audit_revision_history.major_revision 
_pdbx_audit_revision_history.minor_revision 
_pdbx_audit_revision_history.revision_date 
1 'Structure model' 1 0 2000-08-07 
2 'Structure model' 1 1 2008-04-27 
3 'Structure model' 1 2 2011-07-13 
4 'Structure model' 1 3 2022-09-14 
5 'Structure model' 1 4 2024-05-22 
# 
_pdbx_audit_revision_details.ordinal             1 
_pdbx_audit_revision_details.revision_ordinal    1 
_pdbx_audit_revision_details.data_content_type   'Structure model' 
_pdbx_audit_revision_details.provider            repository 
_pdbx_audit_revision_details.type                'Initial release' 
_pdbx_audit_revision_details.description         ? 
_pdbx_audit_revision_details.details             ? 
# 
loop_
_pdbx_audit_revision_group.ordinal 
_pdbx_audit_revision_group.revision_ordinal 
_pdbx_audit_revision_group.data_content_type 
_pdbx_audit_revision_group.group 
1 2 'Structure model' 'Version format compliance' 
2 3 'Structure model' 'Version format compliance' 
3 4 'Structure model' 'Database references'       
4 4 'Structure model' 'Derived calculations'      
5 4 'Structure model' 'Source and taxonomy'       
6 5 'Structure model' 'Data collection'           
# 
loop_
_pdbx_audit_revision_category.ordinal 
_pdbx_audit_revision_category.revision_ordinal 
_pdbx_audit_revision_category.data_content_type 
_pdbx_audit_revision_category.category 
1 4 'Structure model' database_2             
2 4 'Structure model' pdbx_entity_src_syn    
3 4 'Structure model' pdbx_struct_conn_angle 
4 4 'Structure model' struct_conn            
5 4 'Structure model' struct_site            
6 5 'Structure model' chem_comp_atom         
7 5 'Structure model' chem_comp_bond         
# 
loop_
_pdbx_audit_revision_item.ordinal 
_pdbx_audit_revision_item.revision_ordinal 
_pdbx_audit_revision_item.data_content_type 
_pdbx_audit_revision_item.item 
1  4 'Structure model' '_database_2.pdbx_DOI'                        
2  4 'Structure model' '_database_2.pdbx_database_accession'         
3  4 'Structure model' '_pdbx_struct_conn_angle.ptnr1_auth_asym_id'  
4  4 'Structure model' '_pdbx_struct_conn_angle.ptnr1_auth_comp_id'  
5  4 'Structure model' '_pdbx_struct_conn_angle.ptnr1_auth_seq_id'   
6  4 'Structure model' '_pdbx_struct_conn_angle.ptnr1_label_asym_id' 
7  4 'Structure model' '_pdbx_struct_conn_angle.ptnr1_label_atom_id' 
8  4 'Structure model' '_pdbx_struct_conn_angle.ptnr1_label_comp_id' 
9  4 'Structure model' '_pdbx_struct_conn_angle.ptnr1_label_seq_id'  
10 4 'Structure model' '_pdbx_struct_conn_angle.ptnr2_auth_asym_id'  
11 4 'Structure model' '_pdbx_struct_conn_angle.ptnr2_auth_seq_id'   
12 4 'Structure model' '_pdbx_struct_conn_angle.ptnr2_label_asym_id' 
13 4 'Structure model' '_pdbx_struct_conn_angle.ptnr3_auth_asym_id'  
14 4 'Structure model' '_pdbx_struct_conn_angle.ptnr3_auth_comp_id'  
15 4 'Structure model' '_pdbx_struct_conn_angle.ptnr3_auth_seq_id'   
16 4 'Structure model' '_pdbx_struct_conn_angle.ptnr3_label_asym_id' 
17 4 'Structure model' '_pdbx_struct_conn_angle.ptnr3_label_atom_id' 
18 4 'Structure model' '_pdbx_struct_conn_angle.ptnr3_label_comp_id' 
19 4 'Structure model' '_pdbx_struct_conn_angle.ptnr3_label_seq_id'  
20 4 'Structure model' '_pdbx_struct_conn_angle.value'               
21 4 'Structure model' '_struct_conn.pdbx_dist_value'                
22 4 'Structure model' '_struct_conn.ptnr1_auth_asym_id'             
23 4 'Structure model' '_struct_conn.ptnr1_auth_comp_id'             
24 4 'Structure model' '_struct_conn.ptnr1_auth_seq_id'              
25 4 'Structure model' '_struct_conn.ptnr1_label_asym_id'            
26 4 'Structure model' '_struct_conn.ptnr1_label_atom_id'            
27 4 'Structure model' '_struct_conn.ptnr1_label_comp_id'            
28 4 'Structure model' '_struct_conn.ptnr1_label_seq_id'             
29 4 'Structure model' '_struct_conn.ptnr2_auth_asym_id'             
30 4 'Structure model' '_struct_conn.ptnr2_auth_comp_id'             
31 4 'Structure model' '_struct_conn.ptnr2_auth_seq_id'              
32 4 'Structure model' '_struct_conn.ptnr2_label_asym_id'            
33 4 'Structure model' '_struct_conn.ptnr2_label_atom_id'            
34 4 'Structure model' '_struct_conn.ptnr2_label_comp_id'            
35 4 'Structure model' '_struct_site.pdbx_auth_asym_id'              
36 4 'Structure model' '_struct_site.pdbx_auth_comp_id'              
37 4 'Structure model' '_struct_site.pdbx_auth_seq_id'               
# 
_pdbx_database_status.status_code                     REL 
_pdbx_database_status.entry_id                        1FDG 
_pdbx_database_status.recvd_initial_deposition_date   2000-07-20 
_pdbx_database_status.deposit_site                    RCSB 
_pdbx_database_status.process_site                    RCSB 
_pdbx_database_status.status_code_sf                  REL 
_pdbx_database_status.SG_entry                        . 
_pdbx_database_status.pdb_format_compatible           Y 
_pdbx_database_status.status_code_mr                  ? 
_pdbx_database_status.status_code_cs                  ? 
_pdbx_database_status.status_code_nmr_data            ? 
_pdbx_database_status.methods_development_category    ? 
# 
_pdbx_database_related.db_name        PDB 
_pdbx_database_related.db_id          1FD5 
_pdbx_database_related.details        'Bisacridine/CGTACG complex in same crystal lattice' 
_pdbx_database_related.content_type   unspecified 
# 
loop_
_audit_author.name 
_audit_author.pdbx_ordinal 
'Yang, X.-L.'   1 
'Robinson, H.'  2 
'Gao, Y.-G.'    3 
'Wang, A.H.-J.' 4 
# 
_citation.id                        primary 
_citation.title                     
'Binding of a macrocyclic bisacridine and ametantrone to CGTACG involves similar unusual intercalation platforms.' 
_citation.journal_abbrev            Biochemistry 
_citation.journal_volume            39 
_citation.page_first                10950 
_citation.page_last                 10957 
_citation.year                      2000 
_citation.journal_id_ASTM           BICHAW 
_citation.country                   US 
_citation.journal_id_ISSN           0006-2960 
_citation.journal_id_CSD            0033 
_citation.book_publisher            ? 
_citation.pdbx_database_id_PubMed   10998231 
_citation.pdbx_database_id_DOI      10.1021/bi001319z 
# 
loop_
_citation_author.citation_id 
_citation_author.name 
_citation_author.ordinal 
_citation_author.identifier_ORCID 
primary 'Yang, X.L.'   1 ? 
primary 'Robinson, H.' 2 ? 
primary 'Gao, Y.G.'    3 ? 
primary 'Wang, A.H.'   4 ? 
# 
loop_
_entity.id 
_entity.type 
_entity.src_method 
_entity.pdbx_description 
_entity.formula_weight 
_entity.pdbx_number_of_molecules 
_entity.pdbx_ec 
_entity.pdbx_mutation 
_entity.pdbx_fragment 
_entity.details 
1 polymer     syn 
;DNA (5'-D(*CP*GP*TP*AP*CP*G)-3')
;
1809.217 2  ? ? ? ? 
2 non-polymer syn 'COBALT (II) ION'                                             58.933   2  ? ? ? ? 
3 non-polymer syn '1,4-BIS-[2-(2-HYDROXY-ETHYLAMINO)-ETHYLAMINO]-ANTHRAQUINONE' 208.212  1  ? ? ? ? 
4 non-polymer syn 'MAGNESIUM ION'                                               24.305   1  ? ? ? ? 
5 water       nat water                                                         18.015   27 ? ? ? ? 
# 
_entity_poly.entity_id                      1 
_entity_poly.type                           polydeoxyribonucleotide 
_entity_poly.nstd_linkage                   no 
_entity_poly.nstd_monomer                   no 
_entity_poly.pdbx_seq_one_letter_code       '(DC)(DG)(DT)(DA)(DC)(DG)' 
_entity_poly.pdbx_seq_one_letter_code_can   CGTACG 
_entity_poly.pdbx_strand_id                 A,B 
_entity_poly.pdbx_target_identifier         ? 
# 
loop_
_pdbx_entity_nonpoly.entity_id 
_pdbx_entity_nonpoly.name 
_pdbx_entity_nonpoly.comp_id 
2 'COBALT (II) ION'                                             CO  
3 '1,4-BIS-[2-(2-HYDROXY-ETHYLAMINO)-ETHYLAMINO]-ANTHRAQUINONE' 9TA 
4 'MAGNESIUM ION'                                               MG  
5 water                                                         HOH 
# 
loop_
_entity_poly_seq.entity_id 
_entity_poly_seq.num 
_entity_poly_seq.mon_id 
_entity_poly_seq.hetero 
1 1 DC n 
1 2 DG n 
1 3 DT n 
1 4 DA n 
1 5 DC n 
1 6 DG n 
# 
_pdbx_entity_src_syn.entity_id              1 
_pdbx_entity_src_syn.pdbx_src_id            1 
_pdbx_entity_src_syn.pdbx_alt_source_flag   sample 
_pdbx_entity_src_syn.pdbx_beg_seq_num       ? 
_pdbx_entity_src_syn.pdbx_end_seq_num       ? 
_pdbx_entity_src_syn.organism_scientific    'synthetic construct' 
_pdbx_entity_src_syn.organism_common_name   ? 
_pdbx_entity_src_syn.ncbi_taxonomy_id       32630 
_pdbx_entity_src_syn.details                'synthetic DNA moleclue' 
# 
loop_
_chem_comp.id 
_chem_comp.type 
_chem_comp.mon_nstd_flag 
_chem_comp.name 
_chem_comp.pdbx_synonyms 
_chem_comp.formula 
_chem_comp.formula_weight 
9TA non-polymer   . '1,4-BIS-[2-(2-HYDROXY-ETHYLAMINO)-ETHYLAMINO]-ANTHRAQUINONE' ? 'C14 H8 O2'       208.212 
CO  non-polymer   . 'COBALT (II) ION'                                             ? 'Co 2'            58.933  
DA  'DNA linking' y "2'-DEOXYADENOSINE-5'-MONOPHOSPHATE"                          ? 'C10 H14 N5 O6 P' 331.222 
DC  'DNA linking' y "2'-DEOXYCYTIDINE-5'-MONOPHOSPHATE"                           ? 'C9 H14 N3 O7 P'  307.197 
DG  'DNA linking' y "2'-DEOXYGUANOSINE-5'-MONOPHOSPHATE"                          ? 'C10 H14 N5 O7 P' 347.221 
DT  'DNA linking' y "THYMIDINE-5'-MONOPHOSPHATE"                                  ? 'C10 H15 N2 O8 P' 322.208 
HOH non-polymer   . WATER                                                         ? 'H2 O'            18.015  
MG  non-polymer   . 'MAGNESIUM ION'                                               ? 'Mg 2'            24.305  
# 
loop_
_pdbx_poly_seq_scheme.asym_id 
_pdbx_poly_seq_scheme.entity_id 
_pdbx_poly_seq_scheme.seq_id 
_pdbx_poly_seq_scheme.mon_id 
_pdbx_poly_seq_scheme.ndb_seq_num 
_pdbx_poly_seq_scheme.pdb_seq_num 
_pdbx_poly_seq_scheme.auth_seq_num 
_pdbx_poly_seq_scheme.pdb_mon_id 
_pdbx_poly_seq_scheme.auth_mon_id 
_pdbx_poly_seq_scheme.pdb_strand_id 
_pdbx_poly_seq_scheme.pdb_ins_code 
_pdbx_poly_seq_scheme.hetero 
A 1 1 DC 1 1  1  DC C A . n 
A 1 2 DG 2 2  2  DG G A . n 
A 1 3 DT 3 3  3  DT T A . n 
A 1 4 DA 4 4  4  DA A A . n 
A 1 5 DC 5 5  5  DC C A . n 
A 1 6 DG 6 6  6  DG G A . n 
B 1 1 DC 1 7  7  DC C B . n 
B 1 2 DG 2 8  8  DG G B . n 
B 1 3 DT 3 9  9  DT T B . n 
B 1 4 DA 4 10 10 DA A B . n 
B 1 5 DC 5 11 11 DC C B . n 
B 1 6 DG 6 12 12 DG G B . n 
# 
loop_
_pdbx_nonpoly_scheme.asym_id 
_pdbx_nonpoly_scheme.entity_id 
_pdbx_nonpoly_scheme.mon_id 
_pdbx_nonpoly_scheme.ndb_seq_num 
_pdbx_nonpoly_scheme.pdb_seq_num 
_pdbx_nonpoly_scheme.auth_seq_num 
_pdbx_nonpoly_scheme.pdb_mon_id 
_pdbx_nonpoly_scheme.auth_mon_id 
_pdbx_nonpoly_scheme.pdb_strand_id 
_pdbx_nonpoly_scheme.pdb_ins_code 
C 2 CO  1  21  21  CO  CO5 A . 
D 3 9TA 1  13  13  9TA TMR B . 
E 4 MG  1  23  23  MG  MG2 B . 
F 2 CO  1  22  22  CO  NCO B . 
G 5 HOH 1  101 101 HOH HOH A . 
G 5 HOH 2  104 104 HOH HOH A . 
G 5 HOH 3  105 105 HOH HOH A . 
G 5 HOH 4  107 107 HOH HOH A . 
G 5 HOH 5  108 108 HOH HOH A . 
G 5 HOH 6  109 109 HOH HOH A . 
G 5 HOH 7  113 113 HOH HOH A . 
G 5 HOH 8  114 114 HOH HOH A . 
G 5 HOH 9  119 119 HOH HOH A . 
G 5 HOH 10 120 120 HOH HOH A . 
G 5 HOH 11 123 21  HOH CO5 A . 
G 5 HOH 12 124 21  HOH CO5 A . 
G 5 HOH 13 125 21  HOH CO5 A . 
G 5 HOH 14 126 21  HOH CO5 A . 
G 5 HOH 15 127 21  HOH CO5 A . 
H 5 HOH 1  102 102 HOH HOH B . 
H 5 HOH 2  103 103 HOH HOH B . 
H 5 HOH 3  106 106 HOH HOH B . 
H 5 HOH 4  110 110 HOH HOH B . 
H 5 HOH 5  111 111 HOH HOH B . 
H 5 HOH 6  112 112 HOH HOH B . 
H 5 HOH 7  115 115 HOH HOH B . 
H 5 HOH 8  116 116 HOH HOH B . 
H 5 HOH 9  117 117 HOH HOH B . 
H 5 HOH 10 118 118 HOH HOH B . 
H 5 HOH 11 121 22  HOH NCO B . 
H 5 HOH 12 122 22  HOH NCO B . 
# 
loop_
_pdbx_unobs_or_zero_occ_atoms.id 
_pdbx_unobs_or_zero_occ_atoms.PDB_model_num 
_pdbx_unobs_or_zero_occ_atoms.polymer_flag 
_pdbx_unobs_or_zero_occ_atoms.occupancy_flag 
_pdbx_unobs_or_zero_occ_atoms.auth_asym_id 
_pdbx_unobs_or_zero_occ_atoms.auth_comp_id 
_pdbx_unobs_or_zero_occ_atoms.auth_seq_id 
_pdbx_unobs_or_zero_occ_atoms.PDB_ins_code 
_pdbx_unobs_or_zero_occ_atoms.auth_atom_id 
_pdbx_unobs_or_zero_occ_atoms.label_alt_id 
_pdbx_unobs_or_zero_occ_atoms.label_asym_id 
_pdbx_unobs_or_zero_occ_atoms.label_comp_id 
_pdbx_unobs_or_zero_occ_atoms.label_seq_id 
_pdbx_unobs_or_zero_occ_atoms.label_atom_id 
1  1 Y 1 A DC 1 ? "O5'" ? A DC 1 "O5'" 
2  1 Y 1 A DC 1 ? "C5'" ? A DC 1 "C5'" 
3  1 Y 1 A DC 1 ? "C4'" ? A DC 1 "C4'" 
4  1 Y 1 A DC 1 ? "O4'" ? A DC 1 "O4'" 
5  1 Y 1 A DC 1 ? "C3'" ? A DC 1 "C3'" 
6  1 Y 1 A DC 1 ? "C2'" ? A DC 1 "C2'" 
7  1 Y 1 A DC 1 ? "C1'" ? A DC 1 "C1'" 
8  1 Y 1 A DC 1 ? N1    ? A DC 1 N1    
9  1 Y 1 A DC 1 ? C2    ? A DC 1 C2    
10 1 Y 1 A DC 1 ? O2    ? A DC 1 O2    
11 1 Y 1 A DC 1 ? N3    ? A DC 1 N3    
12 1 Y 1 A DC 1 ? C4    ? A DC 1 C4    
13 1 Y 1 A DC 1 ? N4    ? A DC 1 N4    
14 1 Y 1 A DC 1 ? C5    ? A DC 1 C5    
15 1 Y 1 A DC 1 ? C6    ? A DC 1 C6    
# 
loop_
_software.name 
_software.classification 
_software.version 
_software.citation_id 
_software.pdbx_ordinal 
AMoRE     phasing          . ? 1 
SHELXL-97 refinement       . ? 2 
d*TREK    'data reduction' . ? 3 
HKL-2000  'data scaling'   . ? 4 
# 
_cell.entry_id           1FDG 
_cell.length_a           29.094 
_cell.length_b           52.714 
_cell.length_c           40.183 
_cell.angle_alpha        90.00 
_cell.angle_beta         90.00 
_cell.angle_gamma        90.00 
_cell.Z_PDB              16 
_cell.pdbx_unique_axis   ? 
# 
_symmetry.entry_id                         1FDG 
_symmetry.space_group_name_H-M             'C 2 2 2' 
_symmetry.pdbx_full_space_group_name_H-M   ? 
_symmetry.cell_setting                     ? 
_symmetry.Int_Tables_number                21 
# 
_exptl.entry_id          1FDG 
_exptl.method            'X-RAY DIFFRACTION' 
_exptl.crystals_number   1 
# 
_exptl_crystal.id                    1 
_exptl_crystal.density_meas          ? 
_exptl_crystal.density_percent_sol   39.67 
_exptl_crystal.density_Matthews      2.04 
_exptl_crystal.description           ? 
# 
_exptl_crystal_grow.crystal_id      1 
_exptl_crystal_grow.method          'VAPOR DIFFUSION, SITTING DROP' 
_exptl_crystal_grow.pH              6.0 
_exptl_crystal_grow.temp            298 
_exptl_crystal_grow.temp_details    ? 
_exptl_crystal_grow.pdbx_details    
;MPD, sodium cacodylate buffer, magnesium chloride, cobalt chloride, spermine, pH 6.0, VAPOR DIFFUSION, SITTING DROP, temperature 298K
;
_exptl_crystal_grow.pdbx_pH_range   ? 
# 
_diffrn.id                     1 
_diffrn.ambient_temp           110 
_diffrn.ambient_temp_details   ? 
_diffrn.crystal_id             1 
# 
_diffrn_detector.diffrn_id              1 
_diffrn_detector.detector               CCD 
_diffrn_detector.type                   CUSTOM-MADE 
_diffrn_detector.pdbx_collection_date   1999-08-28 
_diffrn_detector.details                ? 
# 
_diffrn_radiation.diffrn_id                        1 
_diffrn_radiation.wavelength_id                    1 
_diffrn_radiation.monochromator                    ? 
_diffrn_radiation.pdbx_monochromatic_or_laue_m_l   M 
_diffrn_radiation.pdbx_diffrn_protocol             'SINGLE WAVELENGTH' 
_diffrn_radiation.pdbx_scattering_type             x-ray 
# 
_diffrn_radiation_wavelength.id           1 
_diffrn_radiation_wavelength.wavelength   0.7251 
_diffrn_radiation_wavelength.wt           1.0 
# 
_diffrn_source.diffrn_id                   1 
_diffrn_source.source                      SYNCHROTRON 
_diffrn_source.type                        'APS BEAMLINE 19-ID' 
_diffrn_source.pdbx_wavelength             0.7251 
_diffrn_source.pdbx_synchrotron_site       APS 
_diffrn_source.pdbx_synchrotron_beamline   19-ID 
_diffrn_source.pdbx_wavelength_list        ? 
# 
_reflns.entry_id                     1FDG 
_reflns.observed_criterion_sigma_I   0 
_reflns.observed_criterion_sigma_F   0 
_reflns.d_resolution_low             80 
_reflns.d_resolution_high            1.6 
_reflns.number_obs                   57036 
_reflns.number_all                   57036 
_reflns.percent_possible_obs         99.2 
_reflns.pdbx_Rmerge_I_obs            0.0520000 
_reflns.pdbx_Rsym_value              ? 
_reflns.pdbx_netI_over_sigmaI        32.5 
_reflns.B_iso_Wilson_estimate        28.3 
_reflns.pdbx_redundancy              6.8 
_reflns.R_free_details               ? 
_reflns.pdbx_diffrn_id               1 
_reflns.pdbx_ordinal                 1 
# 
_reflns_shell.d_res_high             1.60 
_reflns_shell.d_res_low              1.66 
_reflns_shell.percent_possible_obs   ? 
_reflns_shell.percent_possible_all   99.5 
_reflns_shell.Rmerge_I_obs           0.5230000 
_reflns_shell.meanI_over_sigI_obs    ? 
_reflns_shell.pdbx_Rsym_value        ? 
_reflns_shell.pdbx_redundancy        7.2 
_reflns_shell.number_unique_all      423 
_reflns_shell.pdbx_diffrn_id         ? 
_reflns_shell.pdbx_ordinal           1 
# 
_refine.entry_id                                 1FDG 
_refine.ls_number_reflns_obs                     3272 
_refine.ls_number_reflns_all                     4028 
_refine.pdbx_ls_sigma_I                          2 
_refine.pdbx_ls_sigma_F                          4 
_refine.pdbx_data_cutoff_high_absF               ? 
_refine.pdbx_data_cutoff_low_absF                ? 
_refine.ls_d_res_low                             20 
_refine.ls_d_res_high                            1.6 
_refine.ls_percent_reflns_obs                    ? 
_refine.ls_R_factor_obs                          0.2640000 
_refine.ls_R_factor_all                          ? 
_refine.ls_R_factor_R_work                       0.2490000 
_refine.ls_R_factor_R_free                       0.3140000 
_refine.ls_R_factor_R_free_error                 ? 
_refine.ls_R_factor_R_free_error_details         ? 
_refine.ls_percent_reflns_R_free                 ? 
_refine.ls_number_reflns_R_free                  166 
_refine.ls_number_parameters                     ? 
_refine.ls_number_restraints                     ? 
_refine.occupancy_min                            ? 
_refine.occupancy_max                            ? 
_refine.B_iso_mean                               ? 
_refine.aniso_B[1][1]                            ? 
_refine.aniso_B[2][2]                            ? 
_refine.aniso_B[3][3]                            ? 
_refine.aniso_B[1][2]                            ? 
_refine.aniso_B[1][3]                            ? 
_refine.aniso_B[2][3]                            ? 
_refine.solvent_model_details                    ? 
_refine.solvent_model_param_ksol                 ? 
_refine.solvent_model_param_bsol                 ? 
_refine.pdbx_ls_cross_valid_method               ? 
_refine.details                                  ? 
_refine.pdbx_starting_model                      ? 
_refine.pdbx_method_to_determine_struct          ? 
_refine.pdbx_isotropic_thermal_model             ? 
_refine.pdbx_stereochemistry_target_values       'G.PARKINSON, J.VOJTECHOVSKY, L.CLOWNEY, A.T.BRUNGER, H.M.BERMAN' 
_refine.pdbx_stereochem_target_val_spec_case     ? 
_refine.pdbx_R_Free_selection_details            random 
_refine.pdbx_overall_ESU_R_Free                  ? 
_refine.overall_SU_B                             ? 
_refine.ls_redundancy_reflns_obs                 ? 
_refine.overall_SU_ML                            ? 
_refine.pdbx_overall_ESU_R                       ? 
_refine.pdbx_data_cutoff_high_rms_absF           ? 
_refine.correlation_coeff_Fo_to_Fc               ? 
_refine.correlation_coeff_Fo_to_Fc_free          ? 
_refine.overall_SU_R_Cruickshank_DPI             ? 
_refine.overall_SU_R_free                        ? 
_refine.pdbx_refine_id                           'X-RAY DIFFRACTION' 
_refine.pdbx_diffrn_id                           1 
_refine.pdbx_TLS_residual_ADP_flag               ? 
_refine.pdbx_solvent_vdw_probe_radii             ? 
_refine.pdbx_solvent_ion_probe_radii             ? 
_refine.pdbx_solvent_shrinkage_radii             ? 
_refine.pdbx_overall_phase_error                 ? 
_refine.pdbx_overall_SU_R_free_Cruickshank_DPI   ? 
_refine.pdbx_overall_SU_R_Blow_DPI               ? 
_refine.pdbx_overall_SU_R_free_Blow_DPI          ? 
# 
_refine_hist.pdbx_refine_id                   'X-RAY DIFFRACTION' 
_refine_hist.cycle_id                         LAST 
_refine_hist.pdbx_number_atoms_protein        0 
_refine_hist.pdbx_number_atoms_nucleic_acid   225 
_refine_hist.pdbx_number_atoms_ligand         26 
_refine_hist.number_atoms_solvent             20 
_refine_hist.number_atoms_total               271 
_refine_hist.d_res_high                       1.6 
_refine_hist.d_res_low                        20 
# 
loop_
_refine_ls_restr.type 
_refine_ls_restr.dev_ideal 
_refine_ls_restr.dev_ideal_target 
_refine_ls_restr.weight 
_refine_ls_restr.number 
_refine_ls_restr.pdbx_refine_id 
_refine_ls_restr.pdbx_restraint_function 
s_bond_d  0.008 ? ? ? 'X-RAY DIFFRACTION' ? 
s_angle_d 1.7   ? ? ? 'X-RAY DIFFRACTION' ? 
# 
_struct.entry_id                  1FDG 
_struct.title                     
;BINDING OF A MACROCYCLIC BISACRIDINE AND AMETANTRONE TO CGTACG INVOLVES SIMILAR UNUSUAL INTERCALATION PLATFORMS (AMETANTRONE COMPLEX)
;
_struct.pdbx_model_details        ? 
_struct.pdbx_CASP_flag            ? 
_struct.pdbx_model_type_details   ? 
# 
_struct_keywords.entry_id        1FDG 
_struct_keywords.pdbx_keywords   DNA 
_struct_keywords.text            
;High resolution crystal structure, intercalation platform, MAD, anticancer drug, drug-DNA complex, metal ions, tertiary base pairs, DNA
;
# 
loop_
_struct_asym.id 
_struct_asym.pdbx_blank_PDB_chainid_flag 
_struct_asym.pdbx_modified 
_struct_asym.entity_id 
_struct_asym.details 
A N N 1 ? 
B N N 1 ? 
C N N 2 ? 
D N N 3 ? 
E N N 4 ? 
F N N 2 ? 
G N N 5 ? 
H N N 5 ? 
# 
_struct_ref.id                         1 
_struct_ref.entity_id                  1 
_struct_ref.db_name                    PDB 
_struct_ref.db_code                    1FDG 
_struct_ref.pdbx_db_accession          1FDG 
_struct_ref.pdbx_db_isoform            ? 
_struct_ref.pdbx_seq_one_letter_code   ? 
_struct_ref.pdbx_align_begin           ? 
# 
loop_
_struct_ref_seq.align_id 
_struct_ref_seq.ref_id 
_struct_ref_seq.pdbx_PDB_id_code 
_struct_ref_seq.pdbx_strand_id 
_struct_ref_seq.seq_align_beg 
_struct_ref_seq.pdbx_seq_align_beg_ins_code 
_struct_ref_seq.seq_align_end 
_struct_ref_seq.pdbx_seq_align_end_ins_code 
_struct_ref_seq.pdbx_db_accession 
_struct_ref_seq.db_align_beg 
_struct_ref_seq.pdbx_db_align_beg_ins_code 
_struct_ref_seq.db_align_end 
_struct_ref_seq.pdbx_db_align_end_ins_code 
_struct_ref_seq.pdbx_auth_seq_align_beg 
_struct_ref_seq.pdbx_auth_seq_align_end 
1 1 1FDG A 1 ? 6 ? 1FDG 1 ? 6  ? 1 6  
2 1 1FDG B 1 ? 6 ? 1FDG 7 ? 12 ? 7 12 
# 
_pdbx_struct_assembly.id                   1 
_pdbx_struct_assembly.details              author_defined_assembly 
_pdbx_struct_assembly.method_details       ? 
_pdbx_struct_assembly.oligomeric_details   dimeric 
_pdbx_struct_assembly.oligomeric_count     2 
# 
_pdbx_struct_assembly_gen.assembly_id       1 
_pdbx_struct_assembly_gen.oper_expression   1 
_pdbx_struct_assembly_gen.asym_id_list      A,B,C,D,E,F,G,H 
# 
_pdbx_struct_oper_list.id                   1 
_pdbx_struct_oper_list.type                 'identity operation' 
_pdbx_struct_oper_list.name                 1_555 
_pdbx_struct_oper_list.symmetry_operation   x,y,z 
_pdbx_struct_oper_list.matrix[1][1]         1.0000000000 
_pdbx_struct_oper_list.matrix[1][2]         0.0000000000 
_pdbx_struct_oper_list.matrix[1][3]         0.0000000000 
_pdbx_struct_oper_list.vector[1]            0.0000000000 
_pdbx_struct_oper_list.matrix[2][1]         0.0000000000 
_pdbx_struct_oper_list.matrix[2][2]         1.0000000000 
_pdbx_struct_oper_list.matrix[2][3]         0.0000000000 
_pdbx_struct_oper_list.vector[2]            0.0000000000 
_pdbx_struct_oper_list.matrix[3][1]         0.0000000000 
_pdbx_struct_oper_list.matrix[3][2]         0.0000000000 
_pdbx_struct_oper_list.matrix[3][3]         1.0000000000 
_pdbx_struct_oper_list.vector[3]            0.0000000000 
# 
loop_
_struct_conn.id 
_struct_conn.conn_type_id 
_struct_conn.pdbx_leaving_atom_flag 
_struct_conn.pdbx_PDB_id 
_struct_conn.ptnr1_label_asym_id 
_struct_conn.ptnr1_label_comp_id 
_struct_conn.ptnr1_label_seq_id 
_struct_conn.ptnr1_label_atom_id 
_struct_conn.pdbx_ptnr1_label_alt_id 
_struct_conn.pdbx_ptnr1_PDB_ins_code 
_struct_conn.pdbx_ptnr1_standard_comp_id 
_struct_conn.ptnr1_symmetry 
_struct_conn.ptnr2_label_asym_id 
_struct_conn.ptnr2_label_comp_id 
_struct_conn.ptnr2_label_seq_id 
_struct_conn.ptnr2_label_atom_id 
_struct_conn.pdbx_ptnr2_label_alt_id 
_struct_conn.pdbx_ptnr2_PDB_ins_code 
_struct_conn.ptnr1_auth_asym_id 
_struct_conn.ptnr1_auth_comp_id 
_struct_conn.ptnr1_auth_seq_id 
_struct_conn.ptnr2_auth_asym_id 
_struct_conn.ptnr2_auth_comp_id 
_struct_conn.ptnr2_auth_seq_id 
_struct_conn.ptnr2_symmetry 
_struct_conn.pdbx_ptnr3_label_atom_id 
_struct_conn.pdbx_ptnr3_label_seq_id 
_struct_conn.pdbx_ptnr3_label_comp_id 
_struct_conn.pdbx_ptnr3_label_asym_id 
_struct_conn.pdbx_ptnr3_label_alt_id 
_struct_conn.pdbx_ptnr3_PDB_ins_code 
_struct_conn.details 
_struct_conn.pdbx_dist_value 
_struct_conn.pdbx_value_order 
_struct_conn.pdbx_role 
metalc1  metalc ? ? A DG 2 N7 ? ? ? 1_555 C CO  . CO ? ? A DG 2  A CO  21  1_555 ? ? ? ? ? ? ?            2.203 ? ? 
metalc2  metalc ? ? C CO . CO ? ? ? 1_555 G HOH . O  ? ? A CO 21 A HOH 123 1_555 ? ? ? ? ? ? ?            1.988 ? ? 
metalc3  metalc ? ? C CO . CO ? ? ? 1_555 G HOH . O  ? ? A CO 21 A HOH 124 1_555 ? ? ? ? ? ? ?            1.995 ? ? 
metalc4  metalc ? ? C CO . CO ? ? ? 1_555 G HOH . O  ? ? A CO 21 A HOH 125 1_555 ? ? ? ? ? ? ?            2.001 ? ? 
metalc5  metalc ? ? C CO . CO ? ? ? 1_555 G HOH . O  ? ? A CO 21 A HOH 126 1_555 ? ? ? ? ? ? ?            1.994 ? ? 
metalc6  metalc ? ? C CO . CO ? ? ? 1_555 G HOH . O  ? ? A CO 21 A HOH 127 1_555 ? ? ? ? ? ? ?            1.996 ? ? 
metalc7  metalc ? ? B DG 6 N7 ? ? ? 1_555 F CO  . CO ? ? B DG 12 B CO  22  1_555 ? ? ? ? ? ? ?            2.159 ? ? 
metalc8  metalc ? ? F CO . CO ? ? ? 1_555 H HOH . O  ? ? B CO 22 B HOH 121 1_555 ? ? ? ? ? ? ?            1.792 ? ? 
hydrog1  hydrog ? ? A DG 2 N1 ? ? ? 1_555 B DC  5 N3 ? ? A DG 2  B DC  11  1_555 ? ? ? ? ? ? WATSON-CRICK ?     ? ? 
hydrog2  hydrog ? ? A DG 2 N2 ? ? ? 1_555 B DC  5 O2 ? ? A DG 2  B DC  11  1_555 ? ? ? ? ? ? WATSON-CRICK ?     ? ? 
hydrog3  hydrog ? ? A DG 2 O6 ? ? ? 1_555 B DC  5 N4 ? ? A DG 2  B DC  11  1_555 ? ? ? ? ? ? WATSON-CRICK ?     ? ? 
hydrog4  hydrog ? ? A DT 3 N3 ? ? ? 1_555 B DA  4 N1 ? ? A DT 3  B DA  10  1_555 ? ? ? ? ? ? WATSON-CRICK ?     ? ? 
hydrog5  hydrog ? ? A DT 3 O4 ? ? ? 1_555 B DA  4 N6 ? ? A DT 3  B DA  10  1_555 ? ? ? ? ? ? WATSON-CRICK ?     ? ? 
hydrog6  hydrog ? ? A DA 4 N1 ? ? ? 1_555 B DT  3 N3 ? ? A DA 4  B DT  9   1_555 ? ? ? ? ? ? WATSON-CRICK ?     ? ? 
hydrog7  hydrog ? ? A DA 4 N6 ? ? ? 1_555 B DT  3 O4 ? ? A DA 4  B DT  9   1_555 ? ? ? ? ? ? WATSON-CRICK ?     ? ? 
hydrog8  hydrog ? ? A DC 5 N3 ? ? ? 1_555 B DG  2 N1 ? ? A DC 5  B DG  8   1_555 ? ? ? ? ? ? WATSON-CRICK ?     ? ? 
hydrog9  hydrog ? ? A DC 5 N4 ? ? ? 1_555 B DG  2 O6 ? ? A DC 5  B DG  8   1_555 ? ? ? ? ? ? WATSON-CRICK ?     ? ? 
hydrog10 hydrog ? ? A DC 5 O2 ? ? ? 1_555 B DG  2 N2 ? ? A DC 5  B DG  8   1_555 ? ? ? ? ? ? WATSON-CRICK ?     ? ? 
# 
loop_
_struct_conn_type.id 
_struct_conn_type.criteria 
_struct_conn_type.reference 
metalc ? ? 
hydrog ? ? 
# 
loop_
_pdbx_struct_conn_angle.id 
_pdbx_struct_conn_angle.ptnr1_label_atom_id 
_pdbx_struct_conn_angle.ptnr1_label_alt_id 
_pdbx_struct_conn_angle.ptnr1_label_asym_id 
_pdbx_struct_conn_angle.ptnr1_label_comp_id 
_pdbx_struct_conn_angle.ptnr1_label_seq_id 
_pdbx_struct_conn_angle.ptnr1_auth_atom_id 
_pdbx_struct_conn_angle.ptnr1_auth_asym_id 
_pdbx_struct_conn_angle.ptnr1_auth_comp_id 
_pdbx_struct_conn_angle.ptnr1_auth_seq_id 
_pdbx_struct_conn_angle.ptnr1_PDB_ins_code 
_pdbx_struct_conn_angle.ptnr1_symmetry 
_pdbx_struct_conn_angle.ptnr2_label_atom_id 
_pdbx_struct_conn_angle.ptnr2_label_alt_id 
_pdbx_struct_conn_angle.ptnr2_label_asym_id 
_pdbx_struct_conn_angle.ptnr2_label_comp_id 
_pdbx_struct_conn_angle.ptnr2_label_seq_id 
_pdbx_struct_conn_angle.ptnr2_auth_atom_id 
_pdbx_struct_conn_angle.ptnr2_auth_asym_id 
_pdbx_struct_conn_angle.ptnr2_auth_comp_id 
_pdbx_struct_conn_angle.ptnr2_auth_seq_id 
_pdbx_struct_conn_angle.ptnr2_PDB_ins_code 
_pdbx_struct_conn_angle.ptnr2_symmetry 
_pdbx_struct_conn_angle.ptnr3_label_atom_id 
_pdbx_struct_conn_angle.ptnr3_label_alt_id 
_pdbx_struct_conn_angle.ptnr3_label_asym_id 
_pdbx_struct_conn_angle.ptnr3_label_comp_id 
_pdbx_struct_conn_angle.ptnr3_label_seq_id 
_pdbx_struct_conn_angle.ptnr3_auth_atom_id 
_pdbx_struct_conn_angle.ptnr3_auth_asym_id 
_pdbx_struct_conn_angle.ptnr3_auth_comp_id 
_pdbx_struct_conn_angle.ptnr3_auth_seq_id 
_pdbx_struct_conn_angle.ptnr3_PDB_ins_code 
_pdbx_struct_conn_angle.ptnr3_symmetry 
_pdbx_struct_conn_angle.value 
_pdbx_struct_conn_angle.value_esd 
1  N7 ? A DG  2 ? A DG  2   ? 1_555 CO ? C CO . ? A CO 21 ? 1_555 O ? G HOH . ? A HOH 123 ? 1_555 87.9  ? 
2  N7 ? A DG  2 ? A DG  2   ? 1_555 CO ? C CO . ? A CO 21 ? 1_555 O ? G HOH . ? A HOH 124 ? 1_555 92.6  ? 
3  O  ? G HOH . ? A HOH 123 ? 1_555 CO ? C CO . ? A CO 21 ? 1_555 O ? G HOH . ? A HOH 124 ? 1_555 90.1  ? 
4  N7 ? A DG  2 ? A DG  2   ? 1_555 CO ? C CO . ? A CO 21 ? 1_555 O ? G HOH . ? A HOH 125 ? 1_555 87.3  ? 
5  O  ? G HOH . ? A HOH 123 ? 1_555 CO ? C CO . ? A CO 21 ? 1_555 O ? G HOH . ? A HOH 125 ? 1_555 89.6  ? 
6  O  ? G HOH . ? A HOH 124 ? 1_555 CO ? C CO . ? A CO 21 ? 1_555 O ? G HOH . ? A HOH 125 ? 1_555 179.7 ? 
7  N7 ? A DG  2 ? A DG  2   ? 1_555 CO ? C CO . ? A CO 21 ? 1_555 O ? G HOH . ? A HOH 126 ? 1_555 90.4  ? 
8  O  ? G HOH . ? A HOH 123 ? 1_555 CO ? C CO . ? A CO 21 ? 1_555 O ? G HOH . ? A HOH 126 ? 1_555 178.3 ? 
9  O  ? G HOH . ? A HOH 124 ? 1_555 CO ? C CO . ? A CO 21 ? 1_555 O ? G HOH . ? A HOH 126 ? 1_555 90.0  ? 
10 O  ? G HOH . ? A HOH 125 ? 1_555 CO ? C CO . ? A CO 21 ? 1_555 O ? G HOH . ? A HOH 126 ? 1_555 90.3  ? 
11 N7 ? A DG  2 ? A DG  2   ? 1_555 CO ? C CO . ? A CO 21 ? 1_555 O ? G HOH . ? A HOH 127 ? 1_555 176.9 ? 
12 O  ? G HOH . ? A HOH 123 ? 1_555 CO ? C CO . ? A CO 21 ? 1_555 O ? G HOH . ? A HOH 127 ? 1_555 90.9  ? 
13 O  ? G HOH . ? A HOH 124 ? 1_555 CO ? C CO . ? A CO 21 ? 1_555 O ? G HOH . ? A HOH 127 ? 1_555 90.2  ? 
14 O  ? G HOH . ? A HOH 125 ? 1_555 CO ? C CO . ? A CO 21 ? 1_555 O ? G HOH . ? A HOH 127 ? 1_555 89.8  ? 
15 O  ? G HOH . ? A HOH 126 ? 1_555 CO ? C CO . ? A CO 21 ? 1_555 O ? G HOH . ? A HOH 127 ? 1_555 90.8  ? 
16 N7 ? B DG  6 ? B DG  12  ? 1_555 CO ? F CO . ? B CO 22 ? 1_555 O ? H HOH . ? B HOH 121 ? 1_555 88.5  ? 
# 
loop_
_struct_site.id 
_struct_site.pdbx_evidence_code 
_struct_site.pdbx_auth_asym_id 
_struct_site.pdbx_auth_comp_id 
_struct_site.pdbx_auth_seq_id 
_struct_site.pdbx_auth_ins_code 
_struct_site.pdbx_num_residues 
_struct_site.details 
AC1 Software B 9TA 13 ? 7 'BINDING SITE FOR RESIDUE 9TA B 13' 
AC2 Software B MG  23 ? 2 'BINDING SITE FOR RESIDUE MG B 23'  
AC3 Software B CO  22 ? 6 'BINDING SITE FOR RESIDUE CO B 22'  
AC4 Software A CO  21 ? 6 'BINDING SITE FOR RESIDUE CO A 21'  
1   ?        ? ?   ?  ? ? ?                                   
# 
loop_
_struct_site_gen.id 
_struct_site_gen.site_id 
_struct_site_gen.pdbx_num_res 
_struct_site_gen.label_comp_id 
_struct_site_gen.label_asym_id 
_struct_site_gen.label_seq_id 
_struct_site_gen.pdbx_auth_ins_code 
_struct_site_gen.auth_comp_id 
_struct_site_gen.auth_asym_id 
_struct_site_gen.auth_seq_id 
_struct_site_gen.label_atom_id 
_struct_site_gen.label_alt_id 
_struct_site_gen.symmetry 
_struct_site_gen.details 
1  AC1 7 DC  A 5 ? DC  A 5   . ? 2_655 ? 
2  AC1 7 DC  A 5 ? DC  A 5   . ? 1_555 ? 
3  AC1 7 DG  A 6 ? DG  A 6   . ? 1_555 ? 
4  AC1 7 DG  A 6 ? DG  A 6   . ? 2_655 ? 
5  AC1 7 DG  B 2 ? DG  B 8   . ? 2_655 ? 
6  AC1 7 DG  B 2 ? DG  B 8   . ? 1_555 ? 
7  AC1 7 HOH H . ? HOH B 116 . ? 3_656 ? 
8  AC2 2 DG  B 2 ? DG  B 8   . ? 4_556 ? 
9  AC2 2 DG  B 2 ? DG  B 8   . ? 1_555 ? 
10 AC3 6 DG  B 6 ? DG  B 12  . ? 1_555 ? 
11 AC3 6 DG  B 6 ? DG  B 12  . ? 3_755 ? 
12 AC3 6 HOH H . ? HOH B 121 . ? 1_555 ? 
13 AC3 6 HOH H . ? HOH B 121 . ? 3_755 ? 
14 AC3 6 HOH H . ? HOH B 122 . ? 1_555 ? 
15 AC3 6 HOH H . ? HOH B 122 . ? 3_755 ? 
16 AC4 6 DG  A 2 ? DG  A 2   . ? 1_555 ? 
17 AC4 6 HOH G . ? HOH A 123 . ? 1_555 ? 
18 AC4 6 HOH G . ? HOH A 124 . ? 1_555 ? 
19 AC4 6 HOH G . ? HOH A 125 . ? 1_555 ? 
20 AC4 6 HOH G . ? HOH A 126 . ? 1_555 ? 
21 AC4 6 HOH G . ? HOH A 127 . ? 1_555 ? 
# 
loop_
_pdbx_validate_close_contact.id 
_pdbx_validate_close_contact.PDB_model_num 
_pdbx_validate_close_contact.auth_atom_id_1 
_pdbx_validate_close_contact.auth_asym_id_1 
_pdbx_validate_close_contact.auth_comp_id_1 
_pdbx_validate_close_contact.auth_seq_id_1 
_pdbx_validate_close_contact.PDB_ins_code_1 
_pdbx_validate_close_contact.label_alt_id_1 
_pdbx_validate_close_contact.auth_atom_id_2 
_pdbx_validate_close_contact.auth_asym_id_2 
_pdbx_validate_close_contact.auth_comp_id_2 
_pdbx_validate_close_contact.auth_seq_id_2 
_pdbx_validate_close_contact.PDB_ins_code_2 
_pdbx_validate_close_contact.label_alt_id_2 
_pdbx_validate_close_contact.dist 
1 1 CO B CO  22  ? ? O B HOH 122 ? ? 1.46 
2 1 O  B HOH 121 ? ? O B HOH 122 ? ? 2.18 
# 
loop_
_pdbx_validate_rmsd_angle.id 
_pdbx_validate_rmsd_angle.PDB_model_num 
_pdbx_validate_rmsd_angle.auth_atom_id_1 
_pdbx_validate_rmsd_angle.auth_asym_id_1 
_pdbx_validate_rmsd_angle.auth_comp_id_1 
_pdbx_validate_rmsd_angle.auth_seq_id_1 
_pdbx_validate_rmsd_angle.PDB_ins_code_1 
_pdbx_validate_rmsd_angle.label_alt_id_1 
_pdbx_validate_rmsd_angle.auth_atom_id_2 
_pdbx_validate_rmsd_angle.auth_asym_id_2 
_pdbx_validate_rmsd_angle.auth_comp_id_2 
_pdbx_validate_rmsd_angle.auth_seq_id_2 
_pdbx_validate_rmsd_angle.PDB_ins_code_2 
_pdbx_validate_rmsd_angle.label_alt_id_2 
_pdbx_validate_rmsd_angle.auth_atom_id_3 
_pdbx_validate_rmsd_angle.auth_asym_id_3 
_pdbx_validate_rmsd_angle.auth_comp_id_3 
_pdbx_validate_rmsd_angle.auth_seq_id_3 
_pdbx_validate_rmsd_angle.PDB_ins_code_3 
_pdbx_validate_rmsd_angle.label_alt_id_3 
_pdbx_validate_rmsd_angle.angle_value 
_pdbx_validate_rmsd_angle.angle_target_value 
_pdbx_validate_rmsd_angle.angle_deviation 
_pdbx_validate_rmsd_angle.angle_standard_deviation 
_pdbx_validate_rmsd_angle.linker_flag 
1 1 C2 A DA 4  ? ? N3 A DA 4  ? ? C4 A DA 4  ? ? 113.68 110.60 3.08  0.50 N 
2 1 N1 B DC 11 ? ? C2 B DC 11 ? ? O2 B DC 11 ? ? 122.71 118.90 3.81  0.60 N 
3 1 N1 B DG 12 ? ? C6 B DG 12 ? ? O6 B DG 12 ? ? 114.73 119.90 -5.17 0.60 N 
# 
loop_
_pdbx_validate_planes.id 
_pdbx_validate_planes.PDB_model_num 
_pdbx_validate_planes.auth_comp_id 
_pdbx_validate_planes.auth_asym_id 
_pdbx_validate_planes.auth_seq_id 
_pdbx_validate_planes.PDB_ins_code 
_pdbx_validate_planes.label_alt_id 
_pdbx_validate_planes.rmsd 
_pdbx_validate_planes.type 
1 1 DG A 2  ? ? 0.068 'SIDE CHAIN' 
2 1 DG A 6  ? ? 0.059 'SIDE CHAIN' 
3 1 DG B 12 ? ? 0.050 'SIDE CHAIN' 
# 
_struct_site_keywords.site_id   1 
_struct_site_keywords.text      INTERCALATION 
# 
loop_
_pdbx_struct_special_symmetry.id 
_pdbx_struct_special_symmetry.PDB_model_num 
_pdbx_struct_special_symmetry.auth_asym_id 
_pdbx_struct_special_symmetry.auth_comp_id 
_pdbx_struct_special_symmetry.auth_seq_id 
_pdbx_struct_special_symmetry.PDB_ins_code 
_pdbx_struct_special_symmetry.label_asym_id 
_pdbx_struct_special_symmetry.label_comp_id 
_pdbx_struct_special_symmetry.label_seq_id 
1 1 B MG 23 ? E MG . 
2 1 B CO 22 ? F CO . 
# 
loop_
_chem_comp_atom.comp_id 
_chem_comp_atom.atom_id 
_chem_comp_atom.type_symbol 
_chem_comp_atom.pdbx_aromatic_flag 
_chem_comp_atom.pdbx_stereo_config 
_chem_comp_atom.pdbx_ordinal 
9TA C1     C  Y N 1   
9TA C2     C  Y N 2   
9TA C3     C  Y N 3   
9TA C4     C  Y N 4   
9TA C5     C  Y N 5   
9TA C6     C  Y N 6   
9TA C7     C  Y N 7   
9TA C8     C  Y N 8   
9TA C9     C  N N 9   
9TA O9     O  N N 10  
9TA C10    C  N N 11  
9TA O10    O  N N 12  
9TA C11    C  Y N 13  
9TA C12    C  Y N 14  
9TA C13    C  Y N 15  
9TA C14    C  Y N 16  
9TA H1     H  N N 17  
9TA H2     H  N N 18  
9TA H3     H  N N 19  
9TA H4     H  N N 20  
9TA H5     H  N N 21  
9TA H6     H  N N 22  
9TA H7     H  N N 23  
9TA H8     H  N N 24  
CO  CO     CO N N 25  
DA  OP3    O  N N 26  
DA  P      P  N N 27  
DA  OP1    O  N N 28  
DA  OP2    O  N N 29  
DA  "O5'"  O  N N 30  
DA  "C5'"  C  N N 31  
DA  "C4'"  C  N R 32  
DA  "O4'"  O  N N 33  
DA  "C3'"  C  N S 34  
DA  "O3'"  O  N N 35  
DA  "C2'"  C  N N 36  
DA  "C1'"  C  N R 37  
DA  N9     N  Y N 38  
DA  C8     C  Y N 39  
DA  N7     N  Y N 40  
DA  C5     C  Y N 41  
DA  C6     C  Y N 42  
DA  N6     N  N N 43  
DA  N1     N  Y N 44  
DA  C2     C  Y N 45  
DA  N3     N  Y N 46  
DA  C4     C  Y N 47  
DA  HOP3   H  N N 48  
DA  HOP2   H  N N 49  
DA  "H5'"  H  N N 50  
DA  "H5''" H  N N 51  
DA  "H4'"  H  N N 52  
DA  "H3'"  H  N N 53  
DA  "HO3'" H  N N 54  
DA  "H2'"  H  N N 55  
DA  "H2''" H  N N 56  
DA  "H1'"  H  N N 57  
DA  H8     H  N N 58  
DA  H61    H  N N 59  
DA  H62    H  N N 60  
DA  H2     H  N N 61  
DC  OP3    O  N N 62  
DC  P      P  N N 63  
DC  OP1    O  N N 64  
DC  OP2    O  N N 65  
DC  "O5'"  O  N N 66  
DC  "C5'"  C  N N 67  
DC  "C4'"  C  N R 68  
DC  "O4'"  O  N N 69  
DC  "C3'"  C  N S 70  
DC  "O3'"  O  N N 71  
DC  "C2'"  C  N N 72  
DC  "C1'"  C  N R 73  
DC  N1     N  N N 74  
DC  C2     C  N N 75  
DC  O2     O  N N 76  
DC  N3     N  N N 77  
DC  C4     C  N N 78  
DC  N4     N  N N 79  
DC  C5     C  N N 80  
DC  C6     C  N N 81  
DC  HOP3   H  N N 82  
DC  HOP2   H  N N 83  
DC  "H5'"  H  N N 84  
DC  "H5''" H  N N 85  
DC  "H4'"  H  N N 86  
DC  "H3'"  H  N N 87  
DC  "HO3'" H  N N 88  
DC  "H2'"  H  N N 89  
DC  "H2''" H  N N 90  
DC  "H1'"  H  N N 91  
DC  H41    H  N N 92  
DC  H42    H  N N 93  
DC  H5     H  N N 94  
DC  H6     H  N N 95  
DG  OP3    O  N N 96  
DG  P      P  N N 97  
DG  OP1    O  N N 98  
DG  OP2    O  N N 99  
DG  "O5'"  O  N N 100 
DG  "C5'"  C  N N 101 
DG  "C4'"  C  N R 102 
DG  "O4'"  O  N N 103 
DG  "C3'"  C  N S 104 
DG  "O3'"  O  N N 105 
DG  "C2'"  C  N N 106 
DG  "C1'"  C  N R 107 
DG  N9     N  Y N 108 
DG  C8     C  Y N 109 
DG  N7     N  Y N 110 
DG  C5     C  Y N 111 
DG  C6     C  N N 112 
DG  O6     O  N N 113 
DG  N1     N  N N 114 
DG  C2     C  N N 115 
DG  N2     N  N N 116 
DG  N3     N  N N 117 
DG  C4     C  Y N 118 
DG  HOP3   H  N N 119 
DG  HOP2   H  N N 120 
DG  "H5'"  H  N N 121 
DG  "H5''" H  N N 122 
DG  "H4'"  H  N N 123 
DG  "H3'"  H  N N 124 
DG  "HO3'" H  N N 125 
DG  "H2'"  H  N N 126 
DG  "H2''" H  N N 127 
DG  "H1'"  H  N N 128 
DG  H8     H  N N 129 
DG  H1     H  N N 130 
DG  H21    H  N N 131 
DG  H22    H  N N 132 
DT  OP3    O  N N 133 
DT  P      P  N N 134 
DT  OP1    O  N N 135 
DT  OP2    O  N N 136 
DT  "O5'"  O  N N 137 
DT  "C5'"  C  N N 138 
DT  "C4'"  C  N R 139 
DT  "O4'"  O  N N 140 
DT  "C3'"  C  N S 141 
DT  "O3'"  O  N N 142 
DT  "C2'"  C  N N 143 
DT  "C1'"  C  N R 144 
DT  N1     N  N N 145 
DT  C2     C  N N 146 
DT  O2     O  N N 147 
DT  N3     N  N N 148 
DT  C4     C  N N 149 
DT  O4     O  N N 150 
DT  C5     C  N N 151 
DT  C7     C  N N 152 
DT  C6     C  N N 153 
DT  HOP3   H  N N 154 
DT  HOP2   H  N N 155 
DT  "H5'"  H  N N 156 
DT  "H5''" H  N N 157 
DT  "H4'"  H  N N 158 
DT  "H3'"  H  N N 159 
DT  "HO3'" H  N N 160 
DT  "H2'"  H  N N 161 
DT  "H2''" H  N N 162 
DT  "H1'"  H  N N 163 
DT  H3     H  N N 164 
DT  H71    H  N N 165 
DT  H72    H  N N 166 
DT  H73    H  N N 167 
DT  H6     H  N N 168 
HOH O      O  N N 169 
HOH H1     H  N N 170 
HOH H2     H  N N 171 
MG  MG     MG N N 172 
# 
loop_
_chem_comp_bond.comp_id 
_chem_comp_bond.atom_id_1 
_chem_comp_bond.atom_id_2 
_chem_comp_bond.value_order 
_chem_comp_bond.pdbx_aromatic_flag 
_chem_comp_bond.pdbx_stereo_config 
_chem_comp_bond.pdbx_ordinal 
9TA C11   C1     doub Y N 1   
9TA C1    C2     sing Y N 2   
9TA C1    H1     sing N N 3   
9TA C3    C2     doub Y N 4   
9TA C2    H2     sing N N 5   
9TA C4    C3     sing Y N 6   
9TA C3    H3     sing N N 7   
9TA C12   C4     doub Y N 8   
9TA C4    H4     sing N N 9   
9TA C6    C5     doub Y N 10  
9TA C5    C14    sing Y N 11  
9TA C5    H5     sing N N 12  
9TA C6    C7     sing Y N 13  
9TA C6    H6     sing N N 14  
9TA C7    C8     doub Y N 15  
9TA C7    H7     sing N N 16  
9TA C8    C13    sing Y N 17  
9TA C8    H8     sing N N 18  
9TA C13   C9     sing N N 19  
9TA C9    O9     doub N N 20  
9TA C9    C11    sing N N 21  
9TA C14   C10    sing N N 22  
9TA O10   C10    doub N N 23  
9TA C10   C12    sing N N 24  
9TA C12   C11    sing Y N 25  
9TA C14   C13    doub Y N 26  
DA  OP3   P      sing N N 27  
DA  OP3   HOP3   sing N N 28  
DA  P     OP1    doub N N 29  
DA  P     OP2    sing N N 30  
DA  P     "O5'"  sing N N 31  
DA  OP2   HOP2   sing N N 32  
DA  "O5'" "C5'"  sing N N 33  
DA  "C5'" "C4'"  sing N N 34  
DA  "C5'" "H5'"  sing N N 35  
DA  "C5'" "H5''" sing N N 36  
DA  "C4'" "O4'"  sing N N 37  
DA  "C4'" "C3'"  sing N N 38  
DA  "C4'" "H4'"  sing N N 39  
DA  "O4'" "C1'"  sing N N 40  
DA  "C3'" "O3'"  sing N N 41  
DA  "C3'" "C2'"  sing N N 42  
DA  "C3'" "H3'"  sing N N 43  
DA  "O3'" "HO3'" sing N N 44  
DA  "C2'" "C1'"  sing N N 45  
DA  "C2'" "H2'"  sing N N 46  
DA  "C2'" "H2''" sing N N 47  
DA  "C1'" N9     sing N N 48  
DA  "C1'" "H1'"  sing N N 49  
DA  N9    C8     sing Y N 50  
DA  N9    C4     sing Y N 51  
DA  C8    N7     doub Y N 52  
DA  C8    H8     sing N N 53  
DA  N7    C5     sing Y N 54  
DA  C5    C6     sing Y N 55  
DA  C5    C4     doub Y N 56  
DA  C6    N6     sing N N 57  
DA  C6    N1     doub Y N 58  
DA  N6    H61    sing N N 59  
DA  N6    H62    sing N N 60  
DA  N1    C2     sing Y N 61  
DA  C2    N3     doub Y N 62  
DA  C2    H2     sing N N 63  
DA  N3    C4     sing Y N 64  
DC  OP3   P      sing N N 65  
DC  OP3   HOP3   sing N N 66  
DC  P     OP1    doub N N 67  
DC  P     OP2    sing N N 68  
DC  P     "O5'"  sing N N 69  
DC  OP2   HOP2   sing N N 70  
DC  "O5'" "C5'"  sing N N 71  
DC  "C5'" "C4'"  sing N N 72  
DC  "C5'" "H5'"  sing N N 73  
DC  "C5'" "H5''" sing N N 74  
DC  "C4'" "O4'"  sing N N 75  
DC  "C4'" "C3'"  sing N N 76  
DC  "C4'" "H4'"  sing N N 77  
DC  "O4'" "C1'"  sing N N 78  
DC  "C3'" "O3'"  sing N N 79  
DC  "C3'" "C2'"  sing N N 80  
DC  "C3'" "H3'"  sing N N 81  
DC  "O3'" "HO3'" sing N N 82  
DC  "C2'" "C1'"  sing N N 83  
DC  "C2'" "H2'"  sing N N 84  
DC  "C2'" "H2''" sing N N 85  
DC  "C1'" N1     sing N N 86  
DC  "C1'" "H1'"  sing N N 87  
DC  N1    C2     sing N N 88  
DC  N1    C6     sing N N 89  
DC  C2    O2     doub N N 90  
DC  C2    N3     sing N N 91  
DC  N3    C4     doub N N 92  
DC  C4    N4     sing N N 93  
DC  C4    C5     sing N N 94  
DC  N4    H41    sing N N 95  
DC  N4    H42    sing N N 96  
DC  C5    C6     doub N N 97  
DC  C5    H5     sing N N 98  
DC  C6    H6     sing N N 99  
DG  OP3   P      sing N N 100 
DG  OP3   HOP3   sing N N 101 
DG  P     OP1    doub N N 102 
DG  P     OP2    sing N N 103 
DG  P     "O5'"  sing N N 104 
DG  OP2   HOP2   sing N N 105 
DG  "O5'" "C5'"  sing N N 106 
DG  "C5'" "C4'"  sing N N 107 
DG  "C5'" "H5'"  sing N N 108 
DG  "C5'" "H5''" sing N N 109 
DG  "C4'" "O4'"  sing N N 110 
DG  "C4'" "C3'"  sing N N 111 
DG  "C4'" "H4'"  sing N N 112 
DG  "O4'" "C1'"  sing N N 113 
DG  "C3'" "O3'"  sing N N 114 
DG  "C3'" "C2'"  sing N N 115 
DG  "C3'" "H3'"  sing N N 116 
DG  "O3'" "HO3'" sing N N 117 
DG  "C2'" "C1'"  sing N N 118 
DG  "C2'" "H2'"  sing N N 119 
DG  "C2'" "H2''" sing N N 120 
DG  "C1'" N9     sing N N 121 
DG  "C1'" "H1'"  sing N N 122 
DG  N9    C8     sing Y N 123 
DG  N9    C4     sing Y N 124 
DG  C8    N7     doub Y N 125 
DG  C8    H8     sing N N 126 
DG  N7    C5     sing Y N 127 
DG  C5    C6     sing N N 128 
DG  C5    C4     doub Y N 129 
DG  C6    O6     doub N N 130 
DG  C6    N1     sing N N 131 
DG  N1    C2     sing N N 132 
DG  N1    H1     sing N N 133 
DG  C2    N2     sing N N 134 
DG  C2    N3     doub N N 135 
DG  N2    H21    sing N N 136 
DG  N2    H22    sing N N 137 
DG  N3    C4     sing N N 138 
DT  OP3   P      sing N N 139 
DT  OP3   HOP3   sing N N 140 
DT  P     OP1    doub N N 141 
DT  P     OP2    sing N N 142 
DT  P     "O5'"  sing N N 143 
DT  OP2   HOP2   sing N N 144 
DT  "O5'" "C5'"  sing N N 145 
DT  "C5'" "C4'"  sing N N 146 
DT  "C5'" "H5'"  sing N N 147 
DT  "C5'" "H5''" sing N N 148 
DT  "C4'" "O4'"  sing N N 149 
DT  "C4'" "C3'"  sing N N 150 
DT  "C4'" "H4'"  sing N N 151 
DT  "O4'" "C1'"  sing N N 152 
DT  "C3'" "O3'"  sing N N 153 
DT  "C3'" "C2'"  sing N N 154 
DT  "C3'" "H3'"  sing N N 155 
DT  "O3'" "HO3'" sing N N 156 
DT  "C2'" "C1'"  sing N N 157 
DT  "C2'" "H2'"  sing N N 158 
DT  "C2'" "H2''" sing N N 159 
DT  "C1'" N1     sing N N 160 
DT  "C1'" "H1'"  sing N N 161 
DT  N1    C2     sing N N 162 
DT  N1    C6     sing N N 163 
DT  C2    O2     doub N N 164 
DT  C2    N3     sing N N 165 
DT  N3    C4     sing N N 166 
DT  N3    H3     sing N N 167 
DT  C4    O4     doub N N 168 
DT  C4    C5     sing N N 169 
DT  C5    C7     sing N N 170 
DT  C5    C6     doub N N 171 
DT  C7    H71    sing N N 172 
DT  C7    H72    sing N N 173 
DT  C7    H73    sing N N 174 
DT  C6    H6     sing N N 175 
HOH O     H1     sing N N 176 
HOH O     H2     sing N N 177 
# 
loop_
_ndb_struct_conf_na.entry_id 
_ndb_struct_conf_na.feature 
1FDG 'double helix'        
1FDG 'b-form double helix' 
# 
loop_
_ndb_struct_na_base_pair.model_number 
_ndb_struct_na_base_pair.i_label_asym_id 
_ndb_struct_na_base_pair.i_label_comp_id 
_ndb_struct_na_base_pair.i_label_seq_id 
_ndb_struct_na_base_pair.i_symmetry 
_ndb_struct_na_base_pair.j_label_asym_id 
_ndb_struct_na_base_pair.j_label_comp_id 
_ndb_struct_na_base_pair.j_label_seq_id 
_ndb_struct_na_base_pair.j_symmetry 
_ndb_struct_na_base_pair.shear 
_ndb_struct_na_base_pair.stretch 
_ndb_struct_na_base_pair.stagger 
_ndb_struct_na_base_pair.buckle 
_ndb_struct_na_base_pair.propeller 
_ndb_struct_na_base_pair.opening 
_ndb_struct_na_base_pair.pair_number 
_ndb_struct_na_base_pair.pair_name 
_ndb_struct_na_base_pair.i_auth_asym_id 
_ndb_struct_na_base_pair.i_auth_seq_id 
_ndb_struct_na_base_pair.i_PDB_ins_code 
_ndb_struct_na_base_pair.j_auth_asym_id 
_ndb_struct_na_base_pair.j_auth_seq_id 
_ndb_struct_na_base_pair.j_PDB_ins_code 
_ndb_struct_na_base_pair.hbond_type_28 
_ndb_struct_na_base_pair.hbond_type_12 
1 A DG 2 1_555 B DC 5 1_555 -0.328 -0.142 -0.128 -8.667 4.576  2.134  1 A_DG2:DC11_B A 2 ? B 11 ? 19 1 
1 A DT 3 1_555 B DA 4 1_555 0.209  -0.057 0.082  1.843  -0.724 2.866  2 A_DT3:DA10_B A 3 ? B 10 ? 20 1 
1 A DA 4 1_555 B DT 3 1_555 0.388  -0.080 -0.358 -2.735 0.947  -0.944 3 A_DA4:DT9_B  A 4 ? B 9  ? 20 1 
1 A DC 5 1_555 B DG 2 1_555 0.177  0.077  0.026  14.681 -5.606 -0.544 4 A_DC5:DG8_B  A 5 ? B 8  ? 19 1 
# 
loop_
_ndb_struct_na_base_pair_step.model_number 
_ndb_struct_na_base_pair_step.i_label_asym_id_1 
_ndb_struct_na_base_pair_step.i_label_comp_id_1 
_ndb_struct_na_base_pair_step.i_label_seq_id_1 
_ndb_struct_na_base_pair_step.i_symmetry_1 
_ndb_struct_na_base_pair_step.j_label_asym_id_1 
_ndb_struct_na_base_pair_step.j_label_comp_id_1 
_ndb_struct_na_base_pair_step.j_label_seq_id_1 
_ndb_struct_na_base_pair_step.j_symmetry_1 
_ndb_struct_na_base_pair_step.i_label_asym_id_2 
_ndb_struct_na_base_pair_step.i_label_comp_id_2 
_ndb_struct_na_base_pair_step.i_label_seq_id_2 
_ndb_struct_na_base_pair_step.i_symmetry_2 
_ndb_struct_na_base_pair_step.j_label_asym_id_2 
_ndb_struct_na_base_pair_step.j_label_comp_id_2 
_ndb_struct_na_base_pair_step.j_label_seq_id_2 
_ndb_struct_na_base_pair_step.j_symmetry_2 
_ndb_struct_na_base_pair_step.shift 
_ndb_struct_na_base_pair_step.slide 
_ndb_struct_na_base_pair_step.rise 
_ndb_struct_na_base_pair_step.tilt 
_ndb_struct_na_base_pair_step.roll 
_ndb_struct_na_base_pair_step.twist 
_ndb_struct_na_base_pair_step.x_displacement 
_ndb_struct_na_base_pair_step.y_displacement 
_ndb_struct_na_base_pair_step.helical_rise 
_ndb_struct_na_base_pair_step.inclination 
_ndb_struct_na_base_pair_step.tip 
_ndb_struct_na_base_pair_step.helical_twist 
_ndb_struct_na_base_pair_step.step_number 
_ndb_struct_na_base_pair_step.step_name 
_ndb_struct_na_base_pair_step.i_auth_asym_id_1 
_ndb_struct_na_base_pair_step.i_auth_seq_id_1 
_ndb_struct_na_base_pair_step.i_PDB_ins_code_1 
_ndb_struct_na_base_pair_step.j_auth_asym_id_1 
_ndb_struct_na_base_pair_step.j_auth_seq_id_1 
_ndb_struct_na_base_pair_step.j_PDB_ins_code_1 
_ndb_struct_na_base_pair_step.i_auth_asym_id_2 
_ndb_struct_na_base_pair_step.i_auth_seq_id_2 
_ndb_struct_na_base_pair_step.i_PDB_ins_code_2 
_ndb_struct_na_base_pair_step.j_auth_asym_id_2 
_ndb_struct_na_base_pair_step.j_auth_seq_id_2 
_ndb_struct_na_base_pair_step.j_PDB_ins_code_2 
1 A DG 2 1_555 B DC 5 1_555 A DT 3 1_555 B DA 4 1_555 -0.093 -0.317 3.141 -2.645 4.145 27.423 -1.604 -0.411 3.056 8.655 5.524  
27.852 1 AA_DG2DT3:DA10DC11_BB A 2 ? B 11 ? A 3 ? B 10 ? 
1 A DT 3 1_555 B DA 4 1_555 A DA 4 1_555 B DT 3 1_555 -0.200 -0.330 3.382 3.548  2.915 35.711 -0.960 0.842  3.312 4.729 -5.756 
35.995 2 AA_DT3DA4:DT9DA10_BB  A 3 ? B 10 ? A 4 ? B 9  ? 
1 A DA 4 1_555 B DT 3 1_555 A DC 5 1_555 B DG 2 1_555 0.847  -0.839 2.939 -6.244 3.412 27.606 -2.372 -2.942 2.569 7.004 12.817 
28.491 3 AA_DA4DC5:DG8DT9_BB   A 4 ? B 9  ? A 5 ? B 8  ? 
# 
_atom_sites.entry_id                    1FDG 
_atom_sites.fract_transf_matrix[1][1]   -0.01563222 
_atom_sites.fract_transf_matrix[1][2]   0.01754594 
_atom_sites.fract_transf_matrix[1][3]   -0.02508265 
_atom_sites.fract_transf_matrix[2][1]   0.00405647 
_atom_sites.fract_transf_matrix[2][2]   -0.01390215 
_atom_sites.fract_transf_matrix[2][3]   -0.01225301 
_atom_sites.fract_transf_matrix[3][1]   -0.02151486 
_atom_sites.fract_transf_matrix[3][2]   -0.01119415 
_atom_sites.fract_transf_matrix[3][3]   0.00557809 
_atom_sites.fract_transf_vector[1]      0.617667 
_atom_sites.fract_transf_vector[2]      0.143271 
_atom_sites.fract_transf_vector[3]      0.244989 
# 
loop_
_atom_type.symbol 
C  
CO 
MG 
N  
O  
P  
# 
loop_
_atom_site.group_PDB 
_atom_site.id 
_atom_site.type_symbol 
_atom_site.label_atom_id 
_atom_site.label_alt_id 
_atom_site.label_comp_id 
_atom_site.label_asym_id 
_atom_site.label_entity_id 
_atom_site.label_seq_id 
_atom_site.pdbx_PDB_ins_code 
_atom_site.Cartn_x 
_atom_site.Cartn_y 
_atom_site.Cartn_z 
_atom_site.occupancy 
_atom_site.B_iso_or_equiv 
_atom_site.pdbx_formal_charge 
_atom_site.auth_seq_id 
_atom_site.auth_comp_id 
_atom_site.auth_asym_id 
_atom_site.auth_atom_id 
_atom_site.pdbx_PDB_model_num 
ATOM   1   O  "O3'" . DC  A 1 1 ? -1.942  -10.624 -3.197  1.00 46.78  ? 1   DC  A "O3'" 1 
ATOM   2   P  P     . DG  A 1 2 ? -0.901  -11.423 -4.111  1.00 57.53  ? 2   DG  A P     1 
ATOM   3   O  OP1   . DG  A 1 2 ? -1.349  -11.338 -5.526  1.00 50.76  ? 2   DG  A OP1   1 
ATOM   4   O  OP2   . DG  A 1 2 ? -0.648  -12.755 -3.495  1.00 83.70  ? 2   DG  A OP2   1 
ATOM   5   O  "O5'" . DG  A 1 2 ? 0.464   -10.600 -4.031  1.00 51.42  ? 2   DG  A "O5'" 1 
ATOM   6   C  "C5'" . DG  A 1 2 ? 1.476   -10.811 -5.038  1.00 50.97  ? 2   DG  A "C5'" 1 
ATOM   7   C  "C4'" . DG  A 1 2 ? 2.712   -9.998  -4.743  1.00 45.36  ? 2   DG  A "C4'" 1 
ATOM   8   O  "O4'" . DG  A 1 2 ? 2.451   -8.591  -4.935  1.00 42.54  ? 2   DG  A "O4'" 1 
ATOM   9   C  "C3'" . DG  A 1 2 ? 3.222   -10.134 -3.308  1.00 40.22  ? 2   DG  A "C3'" 1 
ATOM   10  O  "O3'" . DG  A 1 2 ? 4.648   -10.036 -3.304  1.00 36.13  ? 2   DG  A "O3'" 1 
ATOM   11  C  "C2'" . DG  A 1 2 ? 2.597   -8.942  -2.618  1.00 37.97  ? 2   DG  A "C2'" 1 
ATOM   12  C  "C1'" . DG  A 1 2 ? 2.578   -7.882  -3.708  1.00 37.12  ? 2   DG  A "C1'" 1 
ATOM   13  N  N9    . DG  A 1 2 ? 1.431   -6.973  -3.604  1.00 26.55  ? 2   DG  A N9    1 
ATOM   14  C  C8    . DG  A 1 2 ? 0.112   -7.359  -3.515  1.00 23.41  ? 2   DG  A C8    1 
ATOM   15  N  N7    . DG  A 1 2 ? -0.715  -6.358  -3.658  1.00 23.46  ? 2   DG  A N7    1 
ATOM   16  C  C5    . DG  A 1 2 ? 0.089   -5.255  -3.921  1.00 22.91  ? 2   DG  A C5    1 
ATOM   17  C  C6    . DG  A 1 2 ? -0.256  -3.916  -4.216  1.00 19.68  ? 2   DG  A C6    1 
ATOM   18  O  O6    . DG  A 1 2 ? -1.372  -3.402  -4.376  1.00 21.81  ? 2   DG  A O6    1 
ATOM   19  N  N1    . DG  A 1 2 ? 0.872   -3.131  -4.492  1.00 19.72  ? 2   DG  A N1    1 
ATOM   20  C  C2    . DG  A 1 2 ? 2.159   -3.602  -4.418  1.00 20.64  ? 2   DG  A C2    1 
ATOM   21  N  N2    . DG  A 1 2 ? 3.162   -2.718  -4.660  1.00 15.38  ? 2   DG  A N2    1 
ATOM   22  N  N3    . DG  A 1 2 ? 2.486   -4.839  -4.104  1.00 19.36  ? 2   DG  A N3    1 
ATOM   23  C  C4    . DG  A 1 2 ? 1.412   -5.624  -3.875  1.00 23.44  ? 2   DG  A C4    1 
ATOM   24  P  P     . DT  A 1 3 ? 5.530   -10.588 -2.092  1.00 39.61  ? 3   DT  A P     1 
ATOM   25  O  OP1   . DT  A 1 3 ? 6.645   -11.351 -2.708  1.00 46.96  ? 3   DT  A OP1   1 
ATOM   26  O  OP2   . DT  A 1 3 ? 4.657   -11.161 -1.047  1.00 39.97  ? 3   DT  A OP2   1 
ATOM   27  O  "O5'" . DT  A 1 3 ? 6.176   -9.281  -1.450  1.00 46.02  ? 3   DT  A "O5'" 1 
ATOM   28  C  "C5'" . DT  A 1 3 ? 5.328   -8.261  -0.908  1.00 37.93  ? 3   DT  A "C5'" 1 
ATOM   29  C  "C4'" . DT  A 1 3 ? 5.937   -6.907  -1.274  1.00 38.40  ? 3   DT  A "C4'" 1 
ATOM   30  O  "O4'" . DT  A 1 3 ? 4.871   -6.043  -1.730  1.00 26.54  ? 3   DT  A "O4'" 1 
ATOM   31  C  "C3'" . DT  A 1 3 ? 6.485   -6.289  0.009   1.00 26.25  ? 3   DT  A "C3'" 1 
ATOM   32  O  "O3'" . DT  A 1 3 ? 7.731   -5.633  -0.198  1.00 28.94  ? 3   DT  A "O3'" 1 
ATOM   33  C  "C2'" . DT  A 1 3 ? 5.363   -5.416  0.493   1.00 21.79  ? 3   DT  A "C2'" 1 
ATOM   34  C  "C1'" . DT  A 1 3 ? 4.722   -4.970  -0.807  1.00 23.96  ? 3   DT  A "C1'" 1 
ATOM   35  N  N1    . DT  A 1 3 ? 3.282   -4.700  -0.674  1.00 23.33  ? 3   DT  A N1    1 
ATOM   36  C  C2    . DT  A 1 3 ? 2.815   -3.467  -0.987  1.00 20.15  ? 3   DT  A C2    1 
ATOM   37  O  O2    . DT  A 1 3 ? 3.584   -2.557  -1.227  1.00 22.23  ? 3   DT  A O2    1 
ATOM   38  N  N3    . DT  A 1 3 ? 1.452   -3.344  -1.049  1.00 21.99  ? 3   DT  A N3    1 
ATOM   39  C  C4    . DT  A 1 3 ? 0.533   -4.336  -0.715  1.00 29.80  ? 3   DT  A C4    1 
ATOM   40  O  O4    . DT  A 1 3 ? -0.669  -4.075  -0.816  1.00 26.06  ? 3   DT  A O4    1 
ATOM   41  C  C5    . DT  A 1 3 ? 1.099   -5.628  -0.413  1.00 23.39  ? 3   DT  A C5    1 
ATOM   42  C  C7    . DT  A 1 3 ? 0.214   -6.789  -0.092  1.00 31.30  ? 3   DT  A C7    1 
ATOM   43  C  C6    . DT  A 1 3 ? 2.433   -5.768  -0.417  1.00 29.77  ? 3   DT  A C6    1 
ATOM   44  P  P     . DA  A 1 4 ? 8.544   -5.187  1.121   1.00 34.62  ? 4   DA  A P     1 
ATOM   45  O  OP1   . DA  A 1 4 ? 9.984   -5.312  0.820   1.00 34.26  ? 4   DA  A OP1   1 
ATOM   46  O  OP2   . DA  A 1 4 ? 7.940   -5.906  2.281   1.00 37.20  ? 4   DA  A OP2   1 
ATOM   47  O  "O5'" . DA  A 1 4 ? 8.231   -3.644  1.293   1.00 34.49  ? 4   DA  A "O5'" 1 
ATOM   48  C  "C5'" . DA  A 1 4 ? 8.357   -2.702  0.204   1.00 26.61  ? 4   DA  A "C5'" 1 
ATOM   49  C  "C4'" . DA  A 1 4 ? 7.825   -1.365  0.726   1.00 26.57  ? 4   DA  A "C4'" 1 
ATOM   50  O  "O4'" . DA  A 1 4 ? 6.381   -1.385  0.587   1.00 26.91  ? 4   DA  A "O4'" 1 
ATOM   51  C  "C3'" . DA  A 1 4 ? 8.101   -1.232  2.224   1.00 28.38  ? 4   DA  A "C3'" 1 
ATOM   52  O  "O3'" . DA  A 1 4 ? 8.965   -0.124  2.468   1.00 33.32  ? 4   DA  A "O3'" 1 
ATOM   53  C  "C2'" . DA  A 1 4 ? 6.753   -1.077  2.881   1.00 25.21  ? 4   DA  A "C2'" 1 
ATOM   54  C  "C1'" . DA  A 1 4 ? 5.792   -0.797  1.738   1.00 25.00  ? 4   DA  A "C1'" 1 
ATOM   55  N  N9    . DA  A 1 4 ? 4.453   -1.387  1.917   1.00 22.59  ? 4   DA  A N9    1 
ATOM   56  C  C8    . DA  A 1 4 ? 4.177   -2.679  2.270   1.00 24.80  ? 4   DA  A C8    1 
ATOM   57  N  N7    . DA  A 1 4 ? 2.901   -2.962  2.255   1.00 21.83  ? 4   DA  A N7    1 
ATOM   58  C  C5    . DA  A 1 4 ? 2.311   -1.764  1.882   1.00 22.82  ? 4   DA  A C5    1 
ATOM   59  C  C6    . DA  A 1 4 ? 0.967   -1.364  1.782   1.00 26.82  ? 4   DA  A C6    1 
ATOM   60  N  N6    . DA  A 1 4 ? -0.042  -2.241  1.890   1.00 25.19  ? 4   DA  A N6    1 
ATOM   61  N  N1    . DA  A 1 4 ? 0.695   -0.087  1.464   1.00 22.31  ? 4   DA  A N1    1 
ATOM   62  C  C2    . DA  A 1 4 ? 1.708   0.784   1.322   1.00 20.34  ? 4   DA  A C2    1 
ATOM   63  N  N3    . DA  A 1 4 ? 2.994   0.520   1.452   1.00 20.94  ? 4   DA  A N3    1 
ATOM   64  C  C4    . DA  A 1 4 ? 3.252   -0.762  1.738   1.00 22.83  ? 4   DA  A C4    1 
ATOM   65  P  P     . DC  A 1 5 ? 9.568   0.149   3.944   1.00 38.05  ? 5   DC  A P     1 
ATOM   66  O  OP1   . DC  A 1 5 ? 10.781  0.992   3.779   1.00 61.08  ? 5   DC  A OP1   1 
ATOM   67  O  OP2   . DC  A 1 5 ? 9.627   -1.112  4.702   1.00 52.89  ? 5   DC  A OP2   1 
ATOM   68  O  "O5'" . DC  A 1 5 ? 8.454   1.113   4.554   1.00 35.31  ? 5   DC  A "O5'" 1 
ATOM   69  C  "C5'" . DC  A 1 5 ? 7.775   2.011   3.650   1.00 30.61  ? 5   DC  A "C5'" 1 
ATOM   70  C  "C4'" . DC  A 1 5 ? 6.554   2.626   4.254   1.00 28.73  ? 5   DC  A "C4'" 1 
ATOM   71  O  "O4'" . DC  A 1 5 ? 5.340   1.961   3.878   1.00 31.00  ? 5   DC  A "O4'" 1 
ATOM   72  C  "C3'" . DC  A 1 5 ? 6.524   2.823   5.764   1.00 31.89  ? 5   DC  A "C3'" 1 
ATOM   73  O  "O3'" . DC  A 1 5 ? 6.460   4.252   5.968   1.00 47.85  ? 5   DC  A "O3'" 1 
ATOM   74  C  "C2'" . DC  A 1 5 ? 5.201   2.231   6.200   1.00 40.41  ? 5   DC  A "C2'" 1 
ATOM   75  C  "C1'" . DC  A 1 5 ? 4.382   2.142   4.923   1.00 39.78  ? 5   DC  A "C1'" 1 
ATOM   76  N  N1    . DC  A 1 5 ? 3.505   0.956   4.864   1.00 28.70  ? 5   DC  A N1    1 
ATOM   77  C  C2    . DC  A 1 5 ? 2.141   1.141   4.656   1.00 28.21  ? 5   DC  A C2    1 
ATOM   78  O  O2    . DC  A 1 5 ? 1.705   2.263   4.357   1.00 36.69  ? 5   DC  A O2    1 
ATOM   79  N  N3    . DC  A 1 5 ? 1.322   0.082   4.825   1.00 28.17  ? 5   DC  A N3    1 
ATOM   80  C  C4    . DC  A 1 5 ? 1.823   -1.117  5.113   1.00 29.04  ? 5   DC  A C4    1 
ATOM   81  N  N4    . DC  A 1 5 ? 0.961   -2.129  5.210   1.00 33.97  ? 5   DC  A N4    1 
ATOM   82  C  C5    . DC  A 1 5 ? 3.213   -1.334  5.324   1.00 34.57  ? 5   DC  A C5    1 
ATOM   83  C  C6    . DC  A 1 5 ? 4.020   -0.275  5.158   1.00 31.15  ? 5   DC  A C6    1 
ATOM   84  P  P     . DG  A 1 6 ? 7.280   4.935   7.168   1.00 57.88  ? 6   DG  A P     1 
ATOM   85  O  OP1   . DG  A 1 6 ? 8.011   6.082   6.579   1.00 46.75  ? 6   DG  A OP1   1 
ATOM   86  O  OP2   . DG  A 1 6 ? 7.971   3.890   7.955   1.00 51.86  ? 6   DG  A OP2   1 
ATOM   87  O  "O5'" . DG  A 1 6 ? 6.141   5.553   8.102   1.00 61.06  ? 6   DG  A "O5'" 1 
ATOM   88  C  "C5'" . DG  A 1 6 ? 4.797   5.034   8.116   1.00 49.49  ? 6   DG  A "C5'" 1 
ATOM   89  C  "C4'" . DG  A 1 6 ? 4.097   5.501   9.381   1.00 42.47  ? 6   DG  A "C4'" 1 
ATOM   90  O  "O4'" . DG  A 1 6 ? 3.382   4.381   9.949   1.00 41.15  ? 6   DG  A "O4'" 1 
ATOM   91  C  "C3'" . DG  A 1 6 ? 5.102   5.908   10.467  1.00 41.94  ? 6   DG  A "C3'" 1 
ATOM   92  O  "O3'" . DG  A 1 6 ? 5.238   7.337   10.442  1.00 34.54  ? 6   DG  A "O3'" 1 
ATOM   93  C  "C2'" . DG  A 1 6 ? 4.449   5.478   11.754  1.00 47.91  ? 6   DG  A "C2'" 1 
ATOM   94  C  "C1'" . DG  A 1 6 ? 3.458   4.407   11.362  1.00 41.66  ? 6   DG  A "C1'" 1 
ATOM   95  N  N9    . DG  A 1 6 ? 3.806   3.065   11.812  1.00 43.64  ? 6   DG  A N9    1 
ATOM   96  C  C8    . DG  A 1 6 ? 5.068   2.652   12.172  1.00 53.51  ? 6   DG  A C8    1 
ATOM   97  N  N7    . DG  A 1 6 ? 5.167   1.357   12.297  1.00 58.34  ? 6   DG  A N7    1 
ATOM   98  C  C5    . DG  A 1 6 ? 3.896   0.884   11.995  1.00 54.86  ? 6   DG  A C5    1 
ATOM   99  C  C6    . DG  A 1 6 ? 3.405   -0.447  11.960  1.00 54.31  ? 6   DG  A C6    1 
ATOM   100 O  O6    . DG  A 1 6 ? 4.015   -1.507  12.154  1.00 51.77  ? 6   DG  A O6    1 
ATOM   101 N  N1    . DG  A 1 6 ? 2.064   -0.491  11.592  1.00 56.44  ? 6   DG  A N1    1 
ATOM   102 C  C2    . DG  A 1 6 ? 1.289   0.610   11.313  1.00 55.35  ? 6   DG  A C2    1 
ATOM   103 N  N2    . DG  A 1 6 ? 0.013   0.334   10.993  1.00 42.35  ? 6   DG  A N2    1 
ATOM   104 N  N3    . DG  A 1 6 ? 1.733   1.859   11.354  1.00 51.12  ? 6   DG  A N3    1 
ATOM   105 C  C4    . DG  A 1 6 ? 3.047   1.924   11.671  1.00 50.70  ? 6   DG  A C4    1 
ATOM   106 O  "O5'" . DC  B 1 1 ? -12.159 2.035   1.416   1.00 60.76  ? 7   DC  B "O5'" 1 
ATOM   107 C  "C5'" . DC  B 1 1 ? -12.577 0.653   1.444   1.00 50.19  ? 7   DC  B "C5'" 1 
ATOM   108 C  "C4'" . DC  B 1 1 ? -12.746 0.218   2.887   1.00 46.70  ? 7   DC  B "C4'" 1 
ATOM   109 O  "O4'" . DC  B 1 1 ? -14.163 -0.003  3.123   1.00 43.59  ? 7   DC  B "O4'" 1 
ATOM   110 C  "C3'" . DC  B 1 1 ? -12.037 -1.099  3.211   1.00 44.45  ? 7   DC  B "C3'" 1 
ATOM   111 O  "O3'" . DC  B 1 1 ? -11.436 -1.061  4.511   1.00 38.18  ? 7   DC  B "O3'" 1 
ATOM   112 C  "C2'" . DC  B 1 1 ? -13.185 -2.099  3.233   1.00 43.92  ? 7   DC  B "C2'" 1 
ATOM   113 C  "C1'" . DC  B 1 1 ? -14.299 -1.242  3.816   1.00 47.92  ? 7   DC  B "C1'" 1 
ATOM   114 N  N1    . DC  B 1 1 ? -15.659 -1.760  3.637   1.00 55.89  ? 7   DC  B N1    1 
ATOM   115 C  C2    . DC  B 1 1 ? -16.441 -2.035  4.764   1.00 52.33  ? 7   DC  B C2    1 
ATOM   116 O  O2    . DC  B 1 1 ? -15.997 -1.739  5.882   1.00 38.19  ? 7   DC  B O2    1 
ATOM   117 N  N3    . DC  B 1 1 ? -17.666 -2.588  4.610   1.00 61.62  ? 7   DC  B N3    1 
ATOM   118 C  C4    . DC  B 1 1 ? -18.106 -2.917  3.395   1.00 69.15  ? 7   DC  B C4    1 
ATOM   119 N  N4    . DC  B 1 1 ? -19.299 -3.505  3.280   1.00 73.20  ? 7   DC  B N4    1 
ATOM   120 C  C5    . DC  B 1 1 ? -17.330 -2.651  2.229   1.00 70.22  ? 7   DC  B C5    1 
ATOM   121 C  C6    . DC  B 1 1 ? -16.130 -2.082  2.394   1.00 63.16  ? 7   DC  B C6    1 
ATOM   122 P  P     . DG  B 1 2 ? -9.841  -0.854  4.651   1.00 50.55  ? 8   DG  B P     1 
ATOM   123 O  OP1   . DG  B 1 2 ? -9.173  -1.870  3.806   1.00 56.10  ? 8   DG  B OP1   1 
ATOM   124 O  OP2   . DG  B 1 2 ? -9.518  -0.711  6.088   1.00 43.02  ? 8   DG  B OP2   1 
ATOM   125 O  "O5'" . DG  B 1 2 ? -9.608  0.546   3.933   1.00 43.96  ? 8   DG  B "O5'" 1 
ATOM   126 C  "C5'" . DG  B 1 2 ? -9.976  1.768   4.601   1.00 45.71  ? 8   DG  B "C5'" 1 
ATOM   127 C  "C4'" . DG  B 1 2 ? -8.742  2.647   4.661   1.00 44.08  ? 8   DG  B "C4'" 1 
ATOM   128 O  "O4'" . DG  B 1 2 ? -7.755  1.990   5.507   1.00 45.10  ? 8   DG  B "O4'" 1 
ATOM   129 C  "C3'" . DG  B 1 2 ? -8.035  2.737   3.302   1.00 39.26  ? 8   DG  B "C3'" 1 
ATOM   130 O  "O3'" . DG  B 1 2 ? -8.557  3.861   2.571   1.00 44.57  ? 8   DG  B "O3'" 1 
ATOM   131 C  "C2'" . DG  B 1 2 ? -6.601  3.014   3.711   1.00 44.85  ? 8   DG  B "C2'" 1 
ATOM   132 C  "C1'" . DG  B 1 2 ? -6.460  2.423   5.098   1.00 37.60  ? 8   DG  B "C1'" 1 
ATOM   133 N  N9    . DG  B 1 2 ? -5.585  1.261   5.175   1.00 34.67  ? 8   DG  B N9    1 
ATOM   134 C  C8    . DG  B 1 2 ? -6.002  -0.043  5.324   1.00 25.18  ? 8   DG  B C8    1 
ATOM   135 N  N7    . DG  B 1 2 ? -5.023  -0.890  5.331   1.00 35.57  ? 8   DG  B N7    1 
ATOM   136 C  C5    . DG  B 1 2 ? -3.902  -0.128  5.021   1.00 35.39  ? 8   DG  B C5    1 
ATOM   137 C  C6    . DG  B 1 2 ? -2.547  -0.526  4.867   1.00 25.69  ? 8   DG  B C6    1 
ATOM   138 O  O6    . DG  B 1 2 ? -2.059  -1.655  4.936   1.00 30.56  ? 8   DG  B O6    1 
ATOM   139 N  N1    . DG  B 1 2 ? -1.716  0.562   4.630   1.00 26.89  ? 8   DG  B N1    1 
ATOM   140 C  C2    . DG  B 1 2 ? -2.150  1.865   4.544   1.00 30.25  ? 8   DG  B C2    1 
ATOM   141 N  N2    . DG  B 1 2 ? -1.196  2.774   4.290   1.00 24.96  ? 8   DG  B N2    1 
ATOM   142 N  N3    . DG  B 1 2 ? -3.410  2.256   4.685   1.00 31.43  ? 8   DG  B N3    1 
ATOM   143 C  C4    . DG  B 1 2 ? -4.229  1.210   4.946   1.00 37.05  ? 8   DG  B C4    1 
ATOM   144 P  P     . DT  B 1 3 ? -8.512  3.848   0.964   1.00 40.80  ? 9   DT  B P     1 
ATOM   145 O  OP1   . DT  B 1 3 ? -9.697  4.557   0.445   1.00 36.43  ? 9   DT  B OP1   1 
ATOM   146 O  OP2   . DT  B 1 3 ? -8.246  2.460   0.519   1.00 36.21  ? 9   DT  B OP2   1 
ATOM   147 O  "O5'" . DT  B 1 3 ? -7.246  4.743   0.621   1.00 50.61  ? 9   DT  B "O5'" 1 
ATOM   148 C  "C5'" . DT  B 1 3 ? -6.595  5.562   1.615   1.00 47.00  ? 9   DT  B "C5'" 1 
ATOM   149 C  "C4'" . DT  B 1 3 ? -5.220  5.900   1.067   1.00 43.82  ? 9   DT  B "C4'" 1 
ATOM   150 O  "O4'" . DT  B 1 3 ? -4.275  4.908   1.508   1.00 39.28  ? 9   DT  B "O4'" 1 
ATOM   151 C  "C3'" . DT  B 1 3 ? -5.188  5.859   -0.464  1.00 44.70  ? 9   DT  B "C3'" 1 
ATOM   152 O  "O3'" . DT  B 1 3 ? -4.600  7.063   -0.930  1.00 51.82  ? 9   DT  B "O3'" 1 
ATOM   153 C  "C2'" . DT  B 1 3 ? -4.367  4.645   -0.814  1.00 37.28  ? 9   DT  B "C2'" 1 
ATOM   154 C  "C1'" . DT  B 1 3 ? -3.497  4.442   0.411   1.00 32.91  ? 9   DT  B "C1'" 1 
ATOM   155 N  N1    . DT  B 1 3 ? -3.224  3.017   0.685   1.00 28.92  ? 9   DT  B N1    1 
ATOM   156 C  C2    . DT  B 1 3 ? -1.944  2.590   0.882   1.00 34.98  ? 9   DT  B C2    1 
ATOM   157 O  O2    . DT  B 1 3 ? -0.934  3.280   0.768   1.00 30.37  ? 9   DT  B O2    1 
ATOM   158 N  N3    . DT  B 1 3 ? -1.856  1.281   1.290   1.00 25.20  ? 9   DT  B N3    1 
ATOM   159 C  C4    . DT  B 1 3 ? -2.886  0.368   1.421   1.00 29.23  ? 9   DT  B C4    1 
ATOM   160 O  O4    . DT  B 1 3 ? -2.655  -0.810  1.678   1.00 24.27  ? 9   DT  B O4    1 
ATOM   161 C  C5    . DT  B 1 3 ? -4.206  0.890   1.166   1.00 29.74  ? 9   DT  B C5    1 
ATOM   162 C  C7    . DT  B 1 3 ? -5.391  -0.005  1.350   1.00 28.10  ? 9   DT  B C7    1 
ATOM   163 C  C6    . DT  B 1 3 ? -4.306  2.178   0.826   1.00 29.69  ? 9   DT  B C6    1 
ATOM   164 P  P     . DA  B 1 4 ? -4.003  7.332   -2.383  1.00 45.26  ? 10  DA  B P     1 
ATOM   165 O  OP1   . DA  B 1 4 ? -3.620  8.771   -2.392  1.00 46.68  ? 10  DA  B OP1   1 
ATOM   166 O  OP2   . DA  B 1 4 ? -4.848  6.761   -3.445  1.00 41.45  ? 10  DA  B OP2   1 
ATOM   167 O  "O5'" . DA  B 1 4 ? -2.612  6.528   -2.360  1.00 38.16  ? 10  DA  B "O5'" 1 
ATOM   168 C  "C5'" . DA  B 1 4 ? -1.501  7.229   -1.741  1.00 29.80  ? 10  DA  B "C5'" 1 
ATOM   169 C  "C4'" . DA  B 1 4 ? -0.199  6.615   -2.183  1.00 36.65  ? 10  DA  B "C4'" 1 
ATOM   170 O  "O4'" . DA  B 1 4 ? -0.060  5.258   -1.726  1.00 39.54  ? 10  DA  B "O4'" 1 
ATOM   171 C  "C3'" . DA  B 1 4 ? 0.010   6.586   -3.694  1.00 27.46  ? 10  DA  B "C3'" 1 
ATOM   172 O  "O3'" . DA  B 1 4 ? 1.373   6.972   -3.952  1.00 37.45  ? 10  DA  B "O3'" 1 
ATOM   173 C  "C2'" . DA  B 1 4 ? -0.229  5.137   -4.055  1.00 23.88  ? 10  DA  B "C2'" 1 
ATOM   174 C  "C1'" . DA  B 1 4 ? 0.278   4.406   -2.817  1.00 31.17  ? 10  DA  B "C1'" 1 
ATOM   175 N  N9    . DA  B 1 4 ? -0.409  3.128   -2.570  1.00 21.98  ? 10  DA  B N9    1 
ATOM   176 C  C8    . DA  B 1 4 ? -1.781  2.940   -2.584  1.00 26.87  ? 10  DA  B C8    1 
ATOM   177 N  N7    . DA  B 1 4 ? -2.127  1.734   -2.217  1.00 27.38  ? 10  DA  B N7    1 
ATOM   178 C  C5    . DA  B 1 4 ? -0.921  1.054   -2.088  1.00 17.83  ? 10  DA  B C5    1 
ATOM   179 C  C6    . DA  B 1 4 ? -0.622  -0.288  -1.854  1.00 20.84  ? 10  DA  B C6    1 
ATOM   180 N  N6    . DA  B 1 4 ? -1.573  -1.195  -1.592  1.00 24.07  ? 10  DA  B N6    1 
ATOM   181 N  N1    . DA  B 1 4 ? 0.670   -0.661  -1.749  1.00 25.06  ? 10  DA  B N1    1 
ATOM   182 C  C2    . DA  B 1 4 ? 1.609   0.285   -1.996  1.00 18.81  ? 10  DA  B C2    1 
ATOM   183 N  N3    . DA  B 1 4 ? 1.447   1.566   -2.293  1.00 18.55  ? 10  DA  B N3    1 
ATOM   184 C  C4    . DA  B 1 4 ? 0.150   1.918   -2.289  1.00 18.58  ? 10  DA  B C4    1 
ATOM   185 P  P     . DC  B 1 5 ? 1.755   7.307   -5.486  1.00 34.47  ? 11  DC  B P     1 
ATOM   186 O  OP1   . DC  B 1 5 ? 2.933   8.198   -5.484  1.00 34.17  ? 11  DC  B OP1   1 
ATOM   187 O  OP2   . DC  B 1 5 ? 0.516   7.583   -6.236  1.00 28.52  ? 11  DC  B OP2   1 
ATOM   188 O  "O5'" . DC  B 1 5 ? 2.312   5.892   -5.998  1.00 32.34  ? 11  DC  B "O5'" 1 
ATOM   189 C  "C5'" . DC  B 1 5 ? 3.591   5.438   -5.526  1.00 19.35  ? 11  DC  B "C5'" 1 
ATOM   190 C  "C4'" . DC  B 1 5 ? 3.804   4.065   -6.117  1.00 20.32  ? 11  DC  B "C4'" 1 
ATOM   191 O  "O4'" . DC  B 1 5 ? 2.816   3.158   -5.565  1.00 19.10  ? 11  DC  B "O4'" 1 
ATOM   192 C  "C3'" . DC  B 1 5 ? 3.620   4.008   -7.649  1.00 17.79  ? 11  DC  B "C3'" 1 
ATOM   193 O  "O3'" . DC  B 1 5 ? 4.758   3.229   -8.115  1.00 21.56  ? 11  DC  B "O3'" 1 
ATOM   194 C  "C2'" . DC  B 1 5 ? 2.379   3.119   -7.834  1.00 21.27  ? 11  DC  B "C2'" 1 
ATOM   195 C  "C1'" . DC  B 1 5 ? 2.486   2.239   -6.601  1.00 20.04  ? 11  DC  B "C1'" 1 
ATOM   196 N  N1    . DC  B 1 5 ? 1.265   1.518   -6.191  1.00 16.14  ? 11  DC  B N1    1 
ATOM   197 C  C2    . DC  B 1 5 ? 1.432   0.255   -5.671  1.00 13.00  ? 11  DC  B C2    1 
ATOM   198 O  O2    . DC  B 1 5 ? 2.548   -0.284  -5.557  1.00 17.44  ? 11  DC  B O2    1 
ATOM   199 N  N3    . DC  B 1 5 ? 0.316   -0.455  -5.301  1.00 19.01  ? 11  DC  B N3    1 
ATOM   200 C  C4    . DC  B 1 5 ? -0.871  0.140   -5.374  1.00 19.69  ? 11  DC  B C4    1 
ATOM   201 N  N4    . DC  B 1 5 ? -1.941  -0.576  -4.981  1.00 17.42  ? 11  DC  B N4    1 
ATOM   202 C  C5    . DC  B 1 5 ? -1.049  1.472   -5.839  1.00 26.17  ? 11  DC  B C5    1 
ATOM   203 C  C6    . DC  B 1 5 ? 0.047   2.122   -6.271  1.00 24.28  ? 11  DC  B C6    1 
ATOM   204 P  P     . DG  B 1 6 ? 5.291   3.509   -9.609  1.00 19.57  ? 12  DG  B P     1 
ATOM   205 O  OP1   . DG  B 1 6 ? 6.648   2.957   -9.684  1.00 19.91  ? 12  DG  B OP1   1 
ATOM   206 O  OP2   . DG  B 1 6 ? 4.868   4.836   -10.059 1.00 16.33  ? 12  DG  B OP2   1 
ATOM   207 O  "O5'" . DG  B 1 6 ? 4.428   2.440   -10.480 1.00 18.67  ? 12  DG  B "O5'" 1 
ATOM   208 C  "C5'" . DG  B 1 6 ? 4.420   1.056   -10.078 1.00 19.97  ? 12  DG  B "C5'" 1 
ATOM   209 C  "C4'" . DG  B 1 6 ? 3.659   0.254   -11.136 1.00 19.34  ? 12  DG  B "C4'" 1 
ATOM   210 O  "O4'" . DG  B 1 6 ? 2.360   0.859   -11.285 1.00 13.09  ? 12  DG  B "O4'" 1 
ATOM   211 C  "C3'" . DG  B 1 6 ? 4.295   0.425   -12.529 1.00 19.44  ? 12  DG  B "C3'" 1 
ATOM   212 O  "O3'" . DG  B 1 6 ? 5.128   -0.684  -12.846 1.00 24.52  ? 12  DG  B "O3'" 1 
ATOM   213 C  "C2'" . DG  B 1 6 ? 3.101   0.518   -13.455 1.00 23.57  ? 12  DG  B "C2'" 1 
ATOM   214 C  "C1'" . DG  B 1 6 ? 2.088   1.272   -12.591 1.00 13.76  ? 12  DG  B "C1'" 1 
ATOM   215 N  N9    . DG  B 1 6 ? 2.258   2.740   -12.622 1.00 22.38  ? 12  DG  B N9    1 
ATOM   216 C  C8    . DG  B 1 6 ? 3.249   3.471   -13.241 1.00 26.17  ? 12  DG  B C8    1 
ATOM   217 N  N7    . DG  B 1 6 ? 3.269   4.734   -12.870 1.00 18.87  ? 12  DG  B N7    1 
ATOM   218 C  C5    . DG  B 1 6 ? 2.259   4.819   -11.903 1.00 24.85  ? 12  DG  B C5    1 
ATOM   219 C  C6    . DG  B 1 6 ? 1.726   5.922   -11.201 1.00 26.07  ? 12  DG  B C6    1 
ATOM   220 O  O6    . DG  B 1 6 ? 2.090   7.094   -11.121 1.00 22.43  ? 12  DG  B O6    1 
ATOM   221 N  N1    . DG  B 1 6 ? 0.707   5.567   -10.317 1.00 28.30  ? 12  DG  B N1    1 
ATOM   222 C  C2    . DG  B 1 6 ? 0.169   4.312   -10.210 1.00 22.11  ? 12  DG  B C2    1 
ATOM   223 N  N2    . DG  B 1 6 ? -0.832  4.222   -9.326  1.00 20.65  ? 12  DG  B N2    1 
ATOM   224 N  N3    . DG  B 1 6 ? 0.595   3.306   -10.937 1.00 18.08  ? 12  DG  B N3    1 
ATOM   225 C  C4    . DG  B 1 6 ? 1.619   3.608   -11.759 1.00 18.74  ? 12  DG  B C4    1 
HETATM 226 CO CO    . CO  C 2 . ? -2.881  -6.761  -3.606  1.00 35.27  ? 21  CO  A CO    1 
HETATM 227 C  C1    . 9TA D 3 . ? -3.996  0.160   8.578   0.50 43.44  ? 13  9TA B C1    1 
HETATM 228 C  C2    . 9TA D 3 . ? -5.355  0.290   8.854   0.50 43.14  ? 13  9TA B C2    1 
HETATM 229 C  C3    . 9TA D 3 . ? -5.945  1.551   8.862   0.50 43.60  ? 13  9TA B C3    1 
HETATM 230 C  C4    . 9TA D 3 . ? -5.179  2.679   8.586   0.50 43.90  ? 13  9TA B C4    1 
HETATM 231 C  C5    . 9TA D 3 . ? -0.801  4.737   7.486   0.50 41.80  ? 13  9TA B C5    1 
HETATM 232 C  C6    . 9TA D 3 . ? 0.553   4.609   7.195   0.50 34.55  ? 13  9TA B C6    1 
HETATM 233 C  C7    . 9TA D 3 . ? 1.145   3.352   7.205   0.50 36.31  ? 13  9TA B C7    1 
HETATM 234 C  C8    . 9TA D 3 . ? 0.375   2.218   7.452   0.50 40.53  ? 13  9TA B C8    1 
HETATM 235 C  C9    . 9TA D 3 . ? -1.796  1.150   8.004   0.50 39.39  ? 13  9TA B C9    1 
HETATM 236 O  O9    . 9TA D 3 . ? -1.262  0.029   8.017   0.50 38.63  ? 13  9TA B O9    1 
HETATM 237 C  C10   . 9TA D 3 . ? -3.004  3.745   8.050   0.50 40.13  ? 13  9TA B C10   1 
HETATM 238 O  O10   . 9TA D 3 . ? -3.529  4.869   8.042   0.50 39.85  ? 13  9TA B O10   1 
HETATM 239 C  C11   . 9TA D 3 . ? -3.226  1.289   8.318   0.50 39.81  ? 13  9TA B C11   1 
HETATM 240 C  C12   . 9TA D 3 . ? -3.820  2.551   8.313   0.50 40.21  ? 13  9TA B C12   1 
HETATM 241 C  C13   . 9TA D 3 . ? -0.985  2.344   7.725   0.50 40.60  ? 13  9TA B C13   1 
HETATM 242 C  C14   . 9TA D 3 . ? -1.571  3.608   7.754   0.50 41.86  ? 13  9TA B C14   1 
HETATM 243 MG MG    . MG  E 4 . ? -9.594  -0.061  8.586   0.50 68.48  ? 23  MG  B MG    1 
HETATM 244 CO CO    . CO  F 2 . ? 4.637   6.046   -13.903 0.50 20.53  ? 22  CO  B CO    1 
HETATM 245 O  O     . HOH G 5 . ? -0.734  -7.608  -7.024  1.00 28.62  ? 101 HOH A O     1 
HETATM 246 O  O     . HOH G 5 . ? 10.464  -5.426  -2.156  1.00 38.93  ? 104 HOH A O     1 
HETATM 247 O  O     . HOH G 5 . ? -2.608  -4.945  0.651   1.00 41.00  ? 105 HOH A O     1 
HETATM 248 O  O     . HOH G 5 . ? -2.116  -7.585  -9.173  1.00 28.87  ? 107 HOH A O     1 
HETATM 249 O  O     . HOH G 5 . ? 1.774   -5.325  3.354   1.00 40.41  ? 108 HOH A O     1 
HETATM 250 O  O     . HOH G 5 . ? 3.979   0.064   8.655   1.00 49.28  ? 109 HOH A O     1 
HETATM 251 O  O     . HOH G 5 . ? 11.751  3.084   5.024   1.00 49.53  ? 113 HOH A O     1 
HETATM 252 O  O     . HOH G 5 . ? -3.050  -8.280  0.398   1.00 46.05  ? 114 HOH A O     1 
HETATM 253 O  O     . HOH G 5 . ? 3.647   -8.812  1.259   1.00 43.92  ? 119 HOH A O     1 
HETATM 254 O  O     . HOH G 5 . ? 7.036   0.211   13.914  1.00 70.39  ? 120 HOH A O     1 
HETATM 255 O  O     . HOH G 5 . ? -2.620  -7.966  -5.166  1.00 28.66  ? 123 HOH A O     1 
HETATM 256 O  O     . HOH G 5 . ? -3.286  -5.246  -4.840  1.00 35.55  ? 124 HOH A O     1 
HETATM 257 O  O     . HOH G 5 . ? -2.473  -8.287  -2.377  1.00 34.29  ? 125 HOH A O     1 
HETATM 258 O  O     . HOH G 5 . ? -3.085  -5.542  -2.042  1.00 39.30  ? 126 HOH A O     1 
HETATM 259 O  O     . HOH G 5 . ? -4.820  -7.229  -3.531  1.00 157.91 ? 127 HOH A O     1 
HETATM 260 O  O     . HOH H 5 . ? 3.825   -2.916  -13.046 1.00 25.23  ? 102 HOH B O     1 
HETATM 261 O  O     . HOH H 5 . ? 7.857   3.863   -7.377  1.00 42.65  ? 103 HOH B O     1 
HETATM 262 O  O     . HOH H 5 . ? 2.785   -2.303  -15.773 1.00 29.25  ? 106 HOH B O     1 
HETATM 263 O  O     . HOH H 5 . ? 5.176   6.880   -8.945  1.00 42.36  ? 110 HOH B O     1 
HETATM 264 O  O     . HOH H 5 . ? -0.773  7.450   -8.813  1.00 55.28  ? 111 HOH B O     1 
HETATM 265 O  O     . HOH H 5 . ? 5.949   -4.126  -13.774 1.00 33.71  ? 112 HOH B O     1 
HETATM 266 O  O     . HOH H 5 . ? 5.605   3.319   -17.810 1.00 61.78  ? 115 HOH B O     1 
HETATM 267 O  O     . HOH H 5 . ? -16.046 -4.953  5.676   1.00 64.63  ? 116 HOH B O     1 
HETATM 268 O  O     . HOH H 5 . ? -2.326  5.306   -6.944  1.00 51.64  ? 117 HOH B O     1 
HETATM 269 O  O     . HOH H 5 . ? -4.301  -3.327  1.423   1.00 59.16  ? 118 HOH B O     1 
HETATM 270 O  O     . HOH H 5 . ? 4.051   5.361   -15.452 1.00 25.76  ? 121 HOH B O     1 
HETATM 271 O  O     . HOH H 5 . ? 3.643   7.083   -14.177 1.00 24.48  ? 122 HOH B O     1 
# 
